data_4XCW
#
_entry.id   4XCW
#
_cell.length_a   65.619
_cell.length_b   66.018
_cell.length_c   76.049
_cell.angle_alpha   71.97
_cell.angle_beta   86.42
_cell.angle_gamma   60.22
#
_symmetry.space_group_name_H-M   'P 1'
#
loop_
_entity.id
_entity.type
_entity.pdbx_description
1 polymer 'Molybdopterin adenylyltransferase'
2 water water
#
_entity_poly.entity_id   1
_entity_poly.type   'polypeptide(L)'
_entity_poly.pdbx_seq_one_letter_code
;QGMQTIHIGVLSASDRASKGVYEDLSGKAIQEVLSEYLLNPLEFHYEIVADERDLIEKSLIKMCDEYQCDLVVTTGGTGP
ALRDITPEATKKVCQKMLPGFGELMRMTSLKYVPTAILSRQSAGIRNKSLIINLPGKPKSIRECLEAVFPAIPYCVDLIL
GNYMQVNEKNIQAFRPKQ
;
_entity_poly.pdbx_strand_id   A,B,C,D,E,F
#
# COMPACT_ATOMS: atom_id res chain seq x y z
N GLN A 1 -30.62 3.03 -18.37
CA GLN A 1 -31.52 3.94 -17.67
C GLN A 1 -31.64 3.58 -16.19
N GLY A 2 -31.37 2.33 -15.85
CA GLY A 2 -31.43 1.88 -14.48
C GLY A 2 -30.31 2.48 -13.63
N MET A 3 -30.65 2.93 -12.43
CA MET A 3 -29.65 3.44 -11.51
C MET A 3 -28.80 2.30 -10.97
N GLN A 4 -27.50 2.55 -10.84
CA GLN A 4 -26.60 1.55 -10.26
C GLN A 4 -26.85 1.40 -8.76
N THR A 5 -26.67 0.20 -8.26
CA THR A 5 -26.73 -0.04 -6.82
C THR A 5 -25.49 0.54 -6.19
N ILE A 6 -25.66 1.31 -5.12
CA ILE A 6 -24.53 1.83 -4.37
C ILE A 6 -24.31 0.97 -3.14
N HIS A 7 -23.09 0.45 -2.99
CA HIS A 7 -22.77 -0.33 -1.80
C HIS A 7 -22.07 0.57 -0.79
N ILE A 8 -22.61 0.60 0.43
CA ILE A 8 -22.14 1.51 1.45
C ILE A 8 -21.76 0.73 2.71
N GLY A 9 -20.52 0.91 3.14
CA GLY A 9 -20.05 0.24 4.34
C GLY A 9 -20.22 1.14 5.53
N VAL A 10 -20.71 0.57 6.63
CA VAL A 10 -20.91 1.31 7.86
C VAL A 10 -20.19 0.56 8.97
N LEU A 11 -19.09 1.14 9.44
CA LEU A 11 -18.26 0.48 10.44
C LEU A 11 -18.35 1.21 11.78
N SER A 12 -18.96 0.56 12.77
CA SER A 12 -19.05 1.15 14.10
C SER A 12 -17.95 0.61 15.00
N ALA A 13 -17.04 1.48 15.41
CA ALA A 13 -15.91 1.10 16.26
C ALA A 13 -16.25 1.28 17.73
N SER A 14 -16.44 0.16 18.44
CA SER A 14 -16.74 0.17 19.86
C SER A 14 -16.70 -1.25 20.42
N GLY A 20 -22.92 -3.89 24.78
CA GLY A 20 -24.10 -4.13 23.98
C GLY A 20 -25.40 -3.80 24.70
N VAL A 21 -25.44 -2.81 25.57
CA VAL A 21 -26.67 -2.41 26.24
C VAL A 21 -27.18 -1.14 25.57
N TYR A 22 -26.53 -0.73 24.49
CA TYR A 22 -26.90 0.50 23.82
C TYR A 22 -27.52 0.27 22.45
N GLU A 23 -28.39 1.19 22.06
CA GLU A 23 -28.89 1.27 20.69
C GLU A 23 -27.83 1.92 19.82
N ASP A 24 -27.54 1.35 18.64
CA ASP A 24 -26.60 2.02 17.74
C ASP A 24 -27.32 3.14 17.00
N LEU A 25 -27.62 4.21 17.74
CA LEU A 25 -28.24 5.40 17.14
C LEU A 25 -27.36 5.98 16.04
N SER A 26 -26.05 5.83 16.16
CA SER A 26 -25.12 6.34 15.16
C SER A 26 -25.23 5.60 13.83
N GLY A 27 -25.21 4.27 13.89
CA GLY A 27 -25.35 3.46 12.70
C GLY A 27 -26.67 3.72 12.00
N LYS A 28 -27.75 3.86 12.78
CA LYS A 28 -29.06 4.13 12.21
C LYS A 28 -29.11 5.50 11.56
N ALA A 29 -28.49 6.48 12.21
CA ALA A 29 -28.46 7.85 11.72
C ALA A 29 -27.77 7.89 10.37
N ILE A 30 -26.69 7.13 10.24
CA ILE A 30 -25.90 7.09 9.01
C ILE A 30 -26.75 6.54 7.87
N GLN A 31 -27.42 5.42 8.08
CA GLN A 31 -28.23 4.83 7.04
CA GLN A 31 -28.26 4.82 7.05
C GLN A 31 -29.45 5.70 6.70
N GLU A 32 -30.02 6.35 7.72
CA GLU A 32 -31.14 7.25 7.51
C GLU A 32 -30.77 8.43 6.60
N VAL A 33 -29.65 9.07 6.93
CA VAL A 33 -29.21 10.27 6.21
C VAL A 33 -28.82 9.91 4.76
N LEU A 34 -28.08 8.83 4.60
CA LEU A 34 -27.61 8.46 3.27
C LEU A 34 -28.79 8.05 2.39
N SER A 35 -29.82 7.45 2.99
CA SER A 35 -31.01 7.06 2.25
C SER A 35 -31.82 8.27 1.80
N GLU A 36 -31.71 9.37 2.54
CA GLU A 36 -32.35 10.62 2.14
C GLU A 36 -31.60 11.30 1.01
N TYR A 37 -30.28 11.10 0.97
CA TYR A 37 -29.41 11.85 0.06
C TYR A 37 -29.27 11.21 -1.31
N LEU A 38 -29.60 9.91 -1.40
CA LEU A 38 -29.37 9.15 -2.63
C LEU A 38 -30.66 8.56 -3.19
N LEU A 39 -30.80 8.61 -4.51
CA LEU A 39 -31.95 8.01 -5.17
C LEU A 39 -31.68 6.55 -5.53
N ASN A 40 -30.41 6.19 -5.62
CA ASN A 40 -30.01 4.83 -6.00
C ASN A 40 -30.56 3.75 -5.08
N PRO A 41 -30.56 2.50 -5.56
CA PRO A 41 -30.90 1.38 -4.69
C PRO A 41 -29.64 1.24 -3.83
N LEU A 42 -29.77 1.14 -2.50
CA LEU A 42 -28.63 1.09 -1.61
C LEU A 42 -28.51 -0.28 -0.96
N GLU A 43 -27.28 -0.76 -0.79
CA GLU A 43 -27.04 -1.94 0.03
C GLU A 43 -26.04 -1.59 1.10
N PHE A 44 -26.48 -1.65 2.35
CA PHE A 44 -25.62 -1.31 3.46
C PHE A 44 -24.93 -2.55 4.02
N HIS A 45 -23.62 -2.43 4.21
CA HIS A 45 -22.83 -3.48 4.84
C HIS A 45 -22.38 -2.97 6.20
N TYR A 46 -23.14 -3.34 7.22
CA TYR A 46 -22.97 -2.79 8.55
C TYR A 46 -22.25 -3.77 9.46
N GLU A 47 -21.17 -3.31 10.10
CA GLU A 47 -20.41 -4.15 11.02
C GLU A 47 -20.00 -3.39 12.28
N ILE A 48 -20.10 -4.07 13.41
CA ILE A 48 -19.58 -3.58 14.67
C ILE A 48 -18.21 -4.22 14.91
N VAL A 49 -17.22 -3.40 15.22
CA VAL A 49 -15.86 -3.89 15.41
C VAL A 49 -15.22 -3.28 16.65
N ALA A 50 -14.45 -4.08 17.39
CA ALA A 50 -13.79 -3.62 18.59
C ALA A 50 -12.68 -2.62 18.28
N ASP A 51 -12.34 -1.79 19.26
CA ASP A 51 -11.33 -0.75 19.07
C ASP A 51 -9.91 -1.31 19.03
N GLU A 52 -9.66 -2.18 18.06
CA GLU A 52 -8.32 -2.69 17.81
C GLU A 52 -7.93 -2.32 16.39
N ARG A 53 -6.73 -1.79 16.21
CA ARG A 53 -6.34 -1.24 14.92
C ARG A 53 -6.35 -2.28 13.81
N ASP A 54 -5.78 -3.46 14.08
CA ASP A 54 -5.73 -4.50 13.05
C ASP A 54 -7.13 -4.98 12.68
N LEU A 55 -8.04 -5.02 13.65
CA LEU A 55 -9.42 -5.43 13.39
C LEU A 55 -10.21 -4.41 12.56
N ILE A 56 -10.01 -3.14 12.85
CA ILE A 56 -10.65 -2.10 12.05
C ILE A 56 -10.07 -2.08 10.64
N GLU A 57 -8.75 -2.26 10.53
CA GLU A 57 -8.12 -2.35 9.22
C GLU A 57 -8.73 -3.49 8.41
N LYS A 58 -8.88 -4.64 9.07
CA LYS A 58 -9.39 -5.86 8.44
C LYS A 58 -10.83 -5.65 7.95
N SER A 59 -11.63 -4.94 8.75
CA SER A 59 -13.02 -4.69 8.39
C SER A 59 -13.12 -3.71 7.23
N LEU A 60 -12.32 -2.65 7.28
CA LEU A 60 -12.28 -1.68 6.20
C LEU A 60 -11.87 -2.35 4.89
N ILE A 61 -10.85 -3.20 4.97
CA ILE A 61 -10.35 -3.88 3.78
C ILE A 61 -11.45 -4.79 3.20
N LYS A 62 -12.18 -5.47 4.06
CA LYS A 62 -13.26 -6.34 3.58
C LYS A 62 -14.37 -5.54 2.90
N MET A 63 -14.76 -4.41 3.49
CA MET A 63 -15.84 -3.61 2.93
C MET A 63 -15.47 -3.04 1.56
N CYS A 64 -14.23 -2.57 1.41
CA CYS A 64 -13.78 -2.05 0.12
C CYS A 64 -13.56 -3.15 -0.91
N ASP A 65 -12.80 -4.16 -0.53
CA ASP A 65 -12.28 -5.14 -1.48
C ASP A 65 -13.26 -6.24 -1.84
N GLU A 66 -13.98 -6.74 -0.84
CA GLU A 66 -14.86 -7.89 -1.04
C GLU A 66 -16.30 -7.46 -1.30
N TYR A 67 -16.78 -6.51 -0.50
CA TYR A 67 -18.14 -6.00 -0.63
C TYR A 67 -18.25 -4.91 -1.70
N GLN A 68 -17.09 -4.46 -2.18
CA GLN A 68 -17.01 -3.45 -3.22
C GLN A 68 -17.80 -2.18 -2.89
N CYS A 69 -17.68 -1.73 -1.65
CA CYS A 69 -18.34 -0.50 -1.24
C CYS A 69 -17.76 0.73 -1.95
N ASP A 70 -18.65 1.57 -2.49
CA ASP A 70 -18.24 2.83 -3.09
C ASP A 70 -17.88 3.86 -2.03
N LEU A 71 -18.60 3.79 -0.93
CA LEU A 71 -18.42 4.68 0.20
C LEU A 71 -18.37 3.86 1.48
N VAL A 72 -17.36 4.08 2.30
CA VAL A 72 -17.29 3.42 3.59
C VAL A 72 -17.19 4.48 4.67
N VAL A 73 -18.10 4.44 5.64
CA VAL A 73 -18.03 5.42 6.73
C VAL A 73 -17.84 4.72 8.07
N THR A 74 -17.01 5.34 8.92
CA THR A 74 -16.80 4.81 10.26
C THR A 74 -17.45 5.71 11.28
N THR A 75 -17.78 5.16 12.44
CA THR A 75 -18.20 6.02 13.53
C THR A 75 -17.51 5.54 14.80
N GLY A 76 -16.96 6.47 15.56
CA GLY A 76 -16.29 6.15 16.81
C GLY A 76 -14.77 6.23 16.72
N GLY A 77 -14.13 6.38 17.87
CA GLY A 77 -12.69 6.28 18.02
C GLY A 77 -11.80 7.26 17.29
N THR A 78 -12.16 8.55 17.30
CA THR A 78 -11.43 9.53 16.51
C THR A 78 -10.87 10.70 17.30
N GLY A 79 -10.91 10.60 18.63
CA GLY A 79 -10.37 11.65 19.47
C GLY A 79 -8.94 11.42 19.92
N PRO A 80 -8.48 12.20 20.91
CA PRO A 80 -7.10 12.12 21.39
C PRO A 80 -6.81 10.94 22.32
N ALA A 81 -7.84 10.23 22.76
CA ALA A 81 -7.68 9.17 23.76
C ALA A 81 -6.92 7.97 23.21
N LEU A 82 -6.33 7.20 24.11
CA LEU A 82 -5.41 6.12 23.76
C LEU A 82 -6.00 5.06 22.82
N ARG A 83 -7.23 4.64 23.08
CA ARG A 83 -7.84 3.59 22.28
C ARG A 83 -8.62 4.12 21.07
N ASP A 84 -8.48 5.42 20.79
CA ASP A 84 -9.09 5.97 19.58
C ASP A 84 -8.16 5.81 18.38
N ILE A 85 -8.25 4.68 17.68
CA ILE A 85 -7.31 4.37 16.61
C ILE A 85 -7.95 4.19 15.25
N THR A 86 -9.16 4.73 15.08
CA THR A 86 -9.84 4.62 13.80
C THR A 86 -9.12 5.43 12.69
N PRO A 87 -8.63 6.66 13.00
CA PRO A 87 -7.89 7.35 11.94
C PRO A 87 -6.60 6.64 11.53
N GLU A 88 -5.87 6.07 12.50
CA GLU A 88 -4.68 5.26 12.19
C GLU A 88 -5.00 4.10 11.26
N ALA A 89 -6.05 3.35 11.60
CA ALA A 89 -6.47 2.23 10.76
C ALA A 89 -6.84 2.71 9.36
N THR A 90 -7.51 3.86 9.29
CA THR A 90 -7.93 4.41 8.01
C THR A 90 -6.73 4.77 7.14
N LYS A 91 -5.77 5.49 7.71
CA LYS A 91 -4.56 5.86 6.97
C LYS A 91 -3.81 4.64 6.45
N LYS A 92 -3.88 3.55 7.21
CA LYS A 92 -3.15 2.33 6.88
C LYS A 92 -3.72 1.65 5.62
N VAL A 93 -5.03 1.68 5.45
CA VAL A 93 -5.64 0.95 4.35
C VAL A 93 -5.85 1.83 3.11
N CYS A 94 -5.73 3.15 3.27
CA CYS A 94 -5.87 4.08 2.15
C CYS A 94 -4.54 4.32 1.42
N GLN A 95 -4.60 4.56 0.12
CA GLN A 95 -3.41 4.92 -0.68
C GLN A 95 -3.18 6.42 -0.72
N LYS A 96 -4.28 7.18 -0.71
CA LYS A 96 -4.24 8.64 -0.72
C LYS A 96 -5.15 9.15 0.39
N MET A 97 -4.73 10.18 1.12
CA MET A 97 -5.65 10.81 2.06
C MET A 97 -6.15 12.13 1.48
N LEU A 98 -7.34 12.55 1.90
CA LEU A 98 -7.92 13.80 1.40
C LEU A 98 -8.07 14.77 2.55
N PRO A 99 -7.06 15.63 2.78
CA PRO A 99 -7.07 16.47 3.97
C PRO A 99 -8.25 17.46 4.01
N GLY A 100 -8.80 17.79 2.85
CA GLY A 100 -9.93 18.70 2.78
C GLY A 100 -11.14 18.24 3.59
N PHE A 101 -11.38 16.94 3.63
CA PHE A 101 -12.50 16.39 4.41
C PHE A 101 -12.30 16.61 5.90
N GLY A 102 -11.10 16.29 6.40
CA GLY A 102 -10.81 16.47 7.81
C GLY A 102 -10.95 17.91 8.21
N GLU A 103 -10.46 18.82 7.37
CA GLU A 103 -10.59 20.25 7.61
C GLU A 103 -12.04 20.69 7.70
N LEU A 104 -12.84 20.27 6.73
CA LEU A 104 -14.24 20.72 6.69
C LEU A 104 -15.06 20.11 7.81
N MET A 105 -14.79 18.86 8.18
CA MET A 105 -15.55 18.25 9.26
C MET A 105 -15.25 18.97 10.58
N ARG A 106 -13.99 19.31 10.83
CA ARG A 106 -13.66 20.06 12.04
C ARG A 106 -14.25 21.46 12.02
N MET A 107 -14.16 22.15 10.88
CA MET A 107 -14.71 23.49 10.76
C MET A 107 -16.22 23.48 11.04
N THR A 108 -16.88 22.42 10.57
CA THR A 108 -18.30 22.26 10.75
C THR A 108 -18.66 22.13 12.21
N SER A 109 -17.98 21.22 12.90
CA SER A 109 -18.25 20.97 14.31
CA SER A 109 -18.26 20.98 14.30
C SER A 109 -17.83 22.16 15.17
N LEU A 110 -16.79 22.87 14.75
CA LEU A 110 -16.27 24.01 15.50
C LEU A 110 -17.28 25.15 15.60
N LYS A 111 -18.28 25.14 14.72
CA LYS A 111 -19.37 26.09 14.80
C LYS A 111 -20.07 26.00 16.15
N TYR A 112 -20.09 24.81 16.72
CA TYR A 112 -20.94 24.53 17.87
C TYR A 112 -20.18 24.24 19.16
N VAL A 113 -19.04 23.57 19.07
CA VAL A 113 -18.24 23.25 20.26
C VAL A 113 -16.74 23.45 20.02
N PRO A 114 -16.05 24.07 20.98
CA PRO A 114 -14.62 24.39 20.86
C PRO A 114 -13.76 23.13 20.80
N THR A 115 -14.25 22.06 21.41
CA THR A 115 -13.51 20.79 21.45
C THR A 115 -13.50 20.05 20.11
N ALA A 116 -14.11 20.65 19.10
CA ALA A 116 -14.07 20.07 17.76
C ALA A 116 -12.65 19.91 17.24
N ILE A 117 -11.72 20.72 17.72
CA ILE A 117 -10.36 20.68 17.21
C ILE A 117 -9.60 19.47 17.74
N LEU A 118 -10.24 18.69 18.60
CA LEU A 118 -9.60 17.50 19.14
C LEU A 118 -9.82 16.30 18.23
N SER A 119 -10.67 16.46 17.23
CA SER A 119 -11.02 15.34 16.35
C SER A 119 -9.97 15.04 15.29
N ARG A 120 -9.66 13.76 15.12
CA ARG A 120 -8.69 13.30 14.13
C ARG A 120 -9.39 12.61 12.97
N GLN A 121 -10.70 12.84 12.83
CA GLN A 121 -11.46 12.29 11.71
C GLN A 121 -10.79 12.66 10.39
N SER A 122 -10.69 11.69 9.48
CA SER A 122 -10.07 11.92 8.18
CA SER A 122 -10.12 12.00 8.17
C SER A 122 -10.87 11.26 7.08
N ALA A 123 -10.35 11.33 5.86
CA ALA A 123 -10.94 10.63 4.73
C ALA A 123 -9.82 10.29 3.76
N GLY A 124 -9.97 9.18 3.05
CA GLY A 124 -9.01 8.79 2.04
C GLY A 124 -9.58 7.84 0.99
N ILE A 125 -8.73 7.47 0.04
CA ILE A 125 -9.11 6.59 -1.04
C ILE A 125 -8.42 5.24 -0.94
N ARG A 126 -9.20 4.17 -1.07
CA ARG A 126 -8.64 2.84 -1.28
C ARG A 126 -9.22 2.28 -2.57
N ASN A 127 -8.40 2.23 -3.61
CA ASN A 127 -8.86 1.80 -4.93
C ASN A 127 -10.10 2.58 -5.37
N LYS A 128 -11.23 1.90 -5.45
CA LYS A 128 -12.47 2.53 -5.92
C LYS A 128 -13.41 2.89 -4.78
N SER A 129 -12.87 2.99 -3.57
CA SER A 129 -13.66 3.31 -2.39
C SER A 129 -13.22 4.60 -1.72
N LEU A 130 -14.18 5.42 -1.32
CA LEU A 130 -13.92 6.55 -0.43
C LEU A 130 -14.27 6.16 1.01
N ILE A 131 -13.32 6.33 1.91
CA ILE A 131 -13.53 6.06 3.33
C ILE A 131 -13.55 7.38 4.08
N ILE A 132 -14.59 7.60 4.89
CA ILE A 132 -14.68 8.81 5.68
C ILE A 132 -14.95 8.49 7.15
N ASN A 133 -14.19 9.10 8.06
CA ASN A 133 -14.46 8.96 9.49
C ASN A 133 -15.52 9.96 9.94
N LEU A 134 -16.62 9.47 10.51
CA LEU A 134 -17.71 10.34 10.98
C LEU A 134 -17.72 10.45 12.51
N PRO A 135 -18.51 11.42 13.06
CA PRO A 135 -18.60 11.54 14.52
C PRO A 135 -19.37 10.39 15.16
N GLY A 136 -19.65 10.50 16.46
CA GLY A 136 -20.28 9.42 17.20
C GLY A 136 -21.75 9.59 17.54
N LYS A 137 -22.29 10.80 17.36
CA LYS A 137 -23.69 11.06 17.69
C LYS A 137 -24.54 11.40 16.47
N PRO A 138 -25.82 10.99 16.47
CA PRO A 138 -26.74 11.25 15.36
C PRO A 138 -26.77 12.70 14.88
N LYS A 139 -26.87 13.65 15.80
CA LYS A 139 -26.92 15.05 15.43
C LYS A 139 -25.65 15.49 14.70
N SER A 140 -24.48 15.16 15.27
CA SER A 140 -23.22 15.55 14.67
C SER A 140 -22.95 14.78 13.37
N ILE A 141 -23.48 13.57 13.28
CA ILE A 141 -23.35 12.78 12.05
C ILE A 141 -24.10 13.43 10.89
N ARG A 142 -25.32 13.90 11.16
CA ARG A 142 -26.11 14.57 10.13
C ARG A 142 -25.43 15.86 9.70
N GLU A 143 -24.99 16.65 10.69
CA GLU A 143 -24.28 17.89 10.41
C GLU A 143 -23.02 17.62 9.61
N CYS A 144 -22.33 16.54 9.94
CA CYS A 144 -21.12 16.15 9.23
C CYS A 144 -21.40 15.77 7.78
N LEU A 145 -22.35 14.87 7.58
CA LEU A 145 -22.70 14.41 6.24
C LEU A 145 -23.27 15.55 5.40
N GLU A 146 -24.04 16.43 6.03
CA GLU A 146 -24.61 17.57 5.33
C GLU A 146 -23.50 18.42 4.73
N ALA A 147 -22.39 18.56 5.47
CA ALA A 147 -21.27 19.35 5.02
C ALA A 147 -20.45 18.67 3.92
N VAL A 148 -20.17 17.38 4.08
CA VAL A 148 -19.23 16.75 3.16
C VAL A 148 -19.90 15.98 2.00
N PHE A 149 -21.18 15.65 2.12
CA PHE A 149 -21.78 14.85 1.06
C PHE A 149 -21.79 15.54 -0.33
N PRO A 150 -21.99 16.87 -0.39
CA PRO A 150 -22.02 17.45 -1.74
C PRO A 150 -20.80 17.14 -2.63
N ALA A 151 -19.67 16.82 -2.02
CA ALA A 151 -18.46 16.50 -2.78
C ALA A 151 -18.29 15.01 -3.06
N ILE A 152 -19.11 14.17 -2.43
CA ILE A 152 -18.88 12.73 -2.48
C ILE A 152 -19.18 12.05 -3.84
N PRO A 153 -20.33 12.36 -4.47
CA PRO A 153 -20.58 11.69 -5.76
C PRO A 153 -19.48 11.92 -6.80
N TYR A 154 -19.00 13.14 -6.95
CA TYR A 154 -17.93 13.40 -7.90
C TYR A 154 -16.64 12.68 -7.51
N CYS A 155 -16.35 12.64 -6.21
CA CYS A 155 -15.18 11.92 -5.73
C CYS A 155 -15.27 10.45 -6.12
N VAL A 156 -16.44 9.85 -5.91
CA VAL A 156 -16.65 8.45 -6.26
C VAL A 156 -16.53 8.26 -7.77
N ASP A 157 -17.04 9.22 -8.54
CA ASP A 157 -16.85 9.21 -10.00
C ASP A 157 -15.36 9.11 -10.36
N LEU A 158 -14.54 9.96 -9.75
CA LEU A 158 -13.14 10.07 -10.13
C LEU A 158 -12.33 8.82 -9.78
N ILE A 159 -12.72 8.11 -8.73
CA ILE A 159 -11.99 6.92 -8.31
C ILE A 159 -12.61 5.67 -8.96
N LEU A 160 -13.57 5.92 -9.87
CA LEU A 160 -14.20 4.90 -10.72
C LEU A 160 -15.16 4.01 -9.94
N GLY A 161 -15.77 4.56 -8.89
CA GLY A 161 -16.85 3.87 -8.20
C GLY A 161 -18.16 4.02 -8.96
N ASN A 162 -19.24 3.44 -8.45
CA ASN A 162 -20.53 3.53 -9.13
C ASN A 162 -21.11 4.94 -9.09
N TYR A 163 -22.09 5.17 -9.96
CA TYR A 163 -22.60 6.53 -10.17
C TYR A 163 -23.77 6.86 -9.25
N MET A 164 -23.49 7.68 -8.24
CA MET A 164 -24.51 8.13 -7.30
C MET A 164 -25.46 9.13 -7.94
N GLN A 165 -26.76 8.94 -7.71
CA GLN A 165 -27.75 9.89 -8.16
C GLN A 165 -28.37 10.57 -6.94
N VAL A 166 -28.10 11.86 -6.81
CA VAL A 166 -28.43 12.61 -5.60
C VAL A 166 -29.91 12.97 -5.53
N ASN A 167 -30.48 12.89 -4.34
CA ASN A 167 -31.83 13.38 -4.10
C ASN A 167 -31.72 14.87 -3.81
N GLU A 168 -31.90 15.67 -4.84
CA GLU A 168 -31.68 17.11 -4.76
C GLU A 168 -32.63 17.83 -3.82
N LYS A 169 -33.77 17.20 -3.52
CA LYS A 169 -34.68 17.75 -2.55
C LYS A 169 -34.00 17.88 -1.19
N ASN A 170 -33.06 16.97 -0.90
CA ASN A 170 -32.49 16.88 0.44
C ASN A 170 -31.06 17.36 0.58
N ILE A 171 -30.32 17.39 -0.52
CA ILE A 171 -28.90 17.76 -0.47
C ILE A 171 -28.49 18.24 -1.86
N GLN A 172 -27.53 19.15 -1.93
CA GLN A 172 -27.17 19.73 -3.22
C GLN A 172 -26.39 18.72 -4.07
N ALA A 173 -26.76 18.67 -5.35
CA ALA A 173 -26.01 17.86 -6.30
C ALA A 173 -25.01 18.76 -6.99
N PHE A 174 -23.75 18.34 -7.04
CA PHE A 174 -22.75 19.10 -7.79
C PHE A 174 -21.67 18.25 -8.41
N ARG A 175 -21.60 18.31 -9.74
CA ARG A 175 -20.50 17.73 -10.49
C ARG A 175 -19.99 18.78 -11.46
N PRO A 176 -18.69 19.10 -11.38
CA PRO A 176 -18.14 20.20 -12.19
C PRO A 176 -18.16 19.90 -13.69
N LYS A 177 -17.93 20.93 -14.49
CA LYS A 177 -17.93 20.82 -15.94
C LYS A 177 -16.80 19.93 -16.44
N GLN A 178 -17.17 18.82 -17.07
CA GLN A 178 -16.19 17.91 -17.66
C GLN A 178 -16.33 17.89 -19.19
N GLN B 1 -11.15 17.03 48.08
CA GLN B 1 -11.64 18.17 47.31
C GLN B 1 -10.51 19.14 46.97
N GLY B 2 -9.28 18.74 47.26
CA GLY B 2 -8.12 19.54 46.88
C GLY B 2 -7.91 19.45 45.38
N MET B 3 -7.68 20.59 44.75
CA MET B 3 -7.41 20.58 43.31
C MET B 3 -6.05 19.94 43.04
N GLN B 4 -5.98 19.19 41.95
CA GLN B 4 -4.72 18.59 41.56
C GLN B 4 -3.74 19.64 41.08
N THR B 5 -2.46 19.43 41.37
CA THR B 5 -1.42 20.27 40.81
C THR B 5 -1.28 19.98 39.33
N ILE B 6 -1.26 21.03 38.52
CA ILE B 6 -1.04 20.87 37.10
C ILE B 6 0.41 21.20 36.79
N HIS B 7 1.11 20.25 36.19
CA HIS B 7 2.48 20.47 35.78
C HIS B 7 2.52 20.91 34.32
N ILE B 8 3.21 22.01 34.08
CA ILE B 8 3.22 22.62 32.75
C ILE B 8 4.65 22.85 32.26
N GLY B 9 4.95 22.29 31.09
CA GLY B 9 6.25 22.49 30.47
C GLY B 9 6.25 23.71 29.58
N VAL B 10 7.30 24.51 29.67
CA VAL B 10 7.46 25.67 28.79
C VAL B 10 8.83 25.59 28.16
N LEU B 11 8.85 25.33 26.85
CA LEU B 11 10.09 25.13 26.13
CA LEU B 11 10.11 25.14 26.13
C LEU B 11 10.36 26.26 25.14
N SER B 12 11.40 27.06 25.41
CA SER B 12 11.79 28.11 24.49
C SER B 12 12.91 27.61 23.58
N ALA B 13 12.64 27.53 22.29
CA ALA B 13 13.63 27.13 21.30
C ALA B 13 14.33 28.37 20.78
N SER B 14 15.64 28.46 21.03
CA SER B 14 16.37 29.68 20.71
C SER B 14 17.88 29.43 20.66
N ASP B 15 18.55 30.01 19.67
CA ASP B 15 20.00 29.92 19.57
C ASP B 15 20.66 30.98 20.43
N ARG B 16 19.84 31.84 21.04
CA ARG B 16 20.31 32.95 21.88
C ARG B 16 21.31 33.85 21.17
N ALA B 17 20.98 34.22 19.93
CA ALA B 17 21.86 35.05 19.13
C ALA B 17 21.06 36.14 18.41
N SER B 18 19.81 36.32 18.83
CA SER B 18 18.94 37.30 18.20
C SER B 18 18.38 38.29 19.22
N LYS B 19 17.83 37.75 20.30
CA LYS B 19 17.13 38.56 21.30
C LYS B 19 18.10 39.31 22.23
N GLY B 20 19.15 38.61 22.68
CA GLY B 20 20.08 39.19 23.65
C GLY B 20 19.47 39.16 25.03
N VAL B 21 19.07 40.33 25.54
CA VAL B 21 18.19 40.37 26.69
C VAL B 21 16.78 40.14 26.16
N TYR B 22 15.77 40.22 27.03
CA TYR B 22 14.39 39.93 26.66
C TYR B 22 14.21 38.48 26.18
N GLU B 23 15.16 37.62 26.54
CA GLU B 23 15.10 36.22 26.11
C GLU B 23 14.00 35.47 26.86
N ASP B 24 13.41 36.11 27.86
CA ASP B 24 12.41 35.49 28.71
C ASP B 24 10.99 35.99 28.44
N LEU B 25 10.84 36.97 27.56
CA LEU B 25 9.54 37.62 27.35
C LEU B 25 8.43 36.65 26.96
N SER B 26 8.71 35.77 26.00
CA SER B 26 7.71 34.83 25.52
C SER B 26 7.31 33.85 26.61
N GLY B 27 8.30 33.33 27.33
CA GLY B 27 8.06 32.42 28.43
C GLY B 27 7.27 33.08 29.54
N LYS B 28 7.56 34.33 29.83
CA LYS B 28 6.85 35.08 30.86
C LYS B 28 5.39 35.27 30.47
N ALA B 29 5.14 35.52 29.19
CA ALA B 29 3.78 35.71 28.71
C ALA B 29 2.99 34.41 28.82
N ILE B 30 3.66 33.30 28.55
CA ILE B 30 3.03 31.98 28.66
C ILE B 30 2.60 31.69 30.09
N GLN B 31 3.50 31.92 31.05
CA GLN B 31 3.18 31.65 32.46
C GLN B 31 2.11 32.59 32.99
N GLU B 32 2.15 33.85 32.58
CA GLU B 32 1.13 34.82 32.99
C GLU B 32 -0.26 34.37 32.55
N VAL B 33 -0.40 34.01 31.29
CA VAL B 33 -1.69 33.62 30.72
C VAL B 33 -2.24 32.36 31.37
N LEU B 34 -1.41 31.32 31.44
CA LEU B 34 -1.85 30.06 31.99
C LEU B 34 -2.19 30.20 33.47
N SER B 35 -1.47 31.09 34.17
CA SER B 35 -1.74 31.34 35.58
C SER B 35 -3.10 31.98 35.80
N GLU B 36 -3.54 32.78 34.83
CA GLU B 36 -4.84 33.44 34.93
C GLU B 36 -5.98 32.52 34.51
N TYR B 37 -5.67 31.54 33.67
CA TYR B 37 -6.67 30.63 33.11
C TYR B 37 -7.03 29.48 34.05
N LEU B 38 -6.09 29.09 34.91
CA LEU B 38 -6.27 27.93 35.78
C LEU B 38 -6.35 28.28 37.26
N LEU B 39 -7.20 27.57 37.98
CA LEU B 39 -7.35 27.74 39.42
C LEU B 39 -6.41 26.81 40.18
N ASN B 40 -5.96 25.75 39.51
CA ASN B 40 -5.08 24.77 40.13
C ASN B 40 -3.78 25.37 40.63
N PRO B 41 -3.20 24.78 41.68
CA PRO B 41 -1.79 25.05 41.93
C PRO B 41 -0.98 24.65 40.71
N LEU B 42 -0.10 25.53 40.24
CA LEU B 42 0.65 25.27 39.02
C LEU B 42 2.13 25.13 39.30
N GLU B 43 2.77 24.21 38.61
CA GLU B 43 4.22 24.09 38.65
C GLU B 43 4.74 24.16 37.22
N PHE B 44 5.57 25.16 36.95
CA PHE B 44 6.09 25.37 35.61
C PHE B 44 7.50 24.80 35.45
N HIS B 45 7.71 24.09 34.34
CA HIS B 45 9.01 23.54 34.02
C HIS B 45 9.56 24.20 32.78
N TYR B 46 10.41 25.21 32.98
CA TYR B 46 10.86 26.05 31.89
C TYR B 46 12.29 25.71 31.48
N GLU B 47 12.52 25.65 30.17
CA GLU B 47 13.85 25.37 29.63
C GLU B 47 14.08 26.13 28.34
N ILE B 48 15.27 26.68 28.19
CA ILE B 48 15.69 27.27 26.93
C ILE B 48 16.56 26.26 26.22
N VAL B 49 16.20 25.92 24.99
CA VAL B 49 16.91 24.91 24.22
C VAL B 49 17.31 25.43 22.84
N ALA B 50 18.53 25.12 22.42
CA ALA B 50 19.01 25.52 21.10
C ALA B 50 18.17 24.93 19.97
N ASP B 51 18.22 25.55 18.80
CA ASP B 51 17.47 25.07 17.65
C ASP B 51 18.08 23.81 17.05
N GLU B 52 18.29 22.80 17.90
CA GLU B 52 18.81 21.51 17.46
C GLU B 52 17.73 20.47 17.70
N ARG B 53 17.38 19.73 16.66
CA ARG B 53 16.22 18.83 16.73
C ARG B 53 16.31 17.83 17.89
N ASP B 54 17.43 17.15 18.02
CA ASP B 54 17.51 16.10 19.05
C ASP B 54 17.41 16.70 20.46
N LEU B 55 17.95 17.90 20.64
CA LEU B 55 17.89 18.57 21.94
C LEU B 55 16.46 18.95 22.28
N ILE B 56 15.70 19.42 21.30
CA ILE B 56 14.31 19.76 21.54
C ILE B 56 13.49 18.51 21.83
N GLU B 57 13.75 17.42 21.10
CA GLU B 57 13.06 16.17 21.35
C GLU B 57 13.32 15.69 22.78
N LYS B 58 14.60 15.69 23.16
CA LYS B 58 14.97 15.26 24.50
C LYS B 58 14.31 16.09 25.59
N SER B 59 14.22 17.40 25.37
CA SER B 59 13.59 18.30 26.33
CA SER B 59 13.60 18.27 26.35
C SER B 59 12.10 18.02 26.45
N LEU B 60 11.42 17.90 25.31
CA LEU B 60 10.00 17.56 25.30
C LEU B 60 9.76 16.25 26.02
N ILE B 61 10.60 15.25 25.72
CA ILE B 61 10.43 13.94 26.31
C ILE B 61 10.62 14.01 27.83
N LYS B 62 11.58 14.81 28.28
CA LYS B 62 11.84 14.95 29.71
C LYS B 62 10.65 15.62 30.41
N MET B 63 10.08 16.65 29.78
CA MET B 63 8.96 17.35 30.38
C MET B 63 7.74 16.45 30.52
N CYS B 64 7.46 15.66 29.47
CA CYS B 64 6.35 14.73 29.51
C CYS B 64 6.60 13.55 30.45
N ASP B 65 7.74 12.88 30.26
CA ASP B 65 8.01 11.61 30.93
C ASP B 65 8.52 11.77 32.37
N GLU B 66 9.49 12.66 32.57
CA GLU B 66 10.10 12.79 33.89
C GLU B 66 9.35 13.79 34.77
N TYR B 67 9.03 14.96 34.22
CA TYR B 67 8.35 16.01 34.97
C TYR B 67 6.84 15.79 35.02
N GLN B 68 6.35 14.82 34.24
CA GLN B 68 4.93 14.48 34.20
C GLN B 68 4.03 15.66 33.88
N CYS B 69 4.44 16.51 32.93
CA CYS B 69 3.62 17.66 32.55
C CYS B 69 2.35 17.21 31.83
N ASP B 70 1.21 17.74 32.27
CA ASP B 70 -0.05 17.50 31.57
C ASP B 70 -0.11 18.29 30.27
N LEU B 71 0.55 19.43 30.28
CA LEU B 71 0.58 20.34 29.13
C LEU B 71 2.00 20.83 28.92
N VAL B 72 2.47 20.73 27.69
CA VAL B 72 3.79 21.24 27.35
C VAL B 72 3.63 22.17 26.17
N VAL B 73 4.11 23.41 26.29
CA VAL B 73 4.01 24.35 25.18
C VAL B 73 5.39 24.82 24.76
N THR B 74 5.56 25.03 23.47
CA THR B 74 6.82 25.54 22.96
C THR B 74 6.63 26.95 22.41
N THR B 75 7.71 27.71 22.35
CA THR B 75 7.70 29.00 21.68
C THR B 75 8.95 29.09 20.81
N GLY B 76 8.78 29.59 19.60
CA GLY B 76 9.89 29.75 18.68
C GLY B 76 10.04 28.62 17.67
N GLY B 77 10.67 28.94 16.55
CA GLY B 77 11.13 27.96 15.58
C GLY B 77 10.05 27.18 14.85
N THR B 78 9.02 27.88 14.37
CA THR B 78 7.90 27.19 13.74
C THR B 78 7.51 27.72 12.36
N GLY B 79 8.43 28.43 11.71
CA GLY B 79 8.18 28.95 10.37
C GLY B 79 8.83 28.09 9.30
N PRO B 80 8.96 28.64 8.08
CA PRO B 80 9.54 27.92 6.95
C PRO B 80 11.06 27.93 6.89
N ALA B 81 11.70 28.66 7.80
CA ALA B 81 13.14 28.85 7.75
C ALA B 81 13.90 27.59 8.16
N LEU B 82 15.16 27.52 7.76
CA LEU B 82 15.99 26.33 7.90
C LEU B 82 16.03 25.76 9.31
N ARG B 83 16.29 26.62 10.30
CA ARG B 83 16.47 26.15 11.67
C ARG B 83 15.18 26.18 12.49
N ASP B 84 14.05 26.35 11.82
CA ASP B 84 12.75 26.24 12.49
C ASP B 84 12.32 24.77 12.56
N ILE B 85 12.86 24.04 13.54
CA ILE B 85 12.67 22.60 13.58
C ILE B 85 11.82 22.12 14.75
N THR B 86 11.15 23.06 15.42
CA THR B 86 10.31 22.71 16.56
C THR B 86 9.10 21.81 16.19
N PRO B 87 8.39 22.10 15.08
CA PRO B 87 7.30 21.17 14.74
C PRO B 87 7.80 19.76 14.42
N GLU B 88 8.93 19.63 13.71
CA GLU B 88 9.50 18.31 13.44
C GLU B 88 9.80 17.52 14.71
N ALA B 89 10.40 18.21 15.68
CA ALA B 89 10.73 17.57 16.95
C ALA B 89 9.45 17.18 17.67
N THR B 90 8.44 18.02 17.60
CA THR B 90 7.15 17.75 18.24
C THR B 90 6.50 16.51 17.63
N LYS B 91 6.53 16.42 16.30
CA LYS B 91 5.93 15.28 15.62
C LYS B 91 6.64 13.98 15.96
N LYS B 92 7.95 14.08 16.15
CA LYS B 92 8.77 12.90 16.43
C LYS B 92 8.43 12.30 17.79
N VAL B 93 8.13 13.14 18.78
CA VAL B 93 7.94 12.60 20.14
C VAL B 93 6.48 12.33 20.46
N CYS B 94 5.56 12.80 19.62
CA CYS B 94 4.14 12.52 19.81
C CYS B 94 3.72 11.23 19.15
N GLN B 95 2.72 10.58 19.72
CA GLN B 95 2.17 9.34 19.15
C GLN B 95 0.97 9.61 18.23
N LYS B 96 0.22 10.65 18.55
CA LYS B 96 -0.94 11.12 17.76
C LYS B 96 -0.85 12.62 17.57
N MET B 97 -1.00 13.11 16.35
CA MET B 97 -1.06 14.56 16.14
C MET B 97 -2.52 15.02 16.09
N LEU B 98 -2.74 16.28 16.45
CA LEU B 98 -4.08 16.87 16.44
C LEU B 98 -4.10 18.03 15.45
N PRO B 99 -4.39 17.74 14.17
CA PRO B 99 -4.35 18.76 13.13
C PRO B 99 -5.30 19.94 13.39
N GLY B 100 -6.34 19.72 14.19
CA GLY B 100 -7.30 20.78 14.47
C GLY B 100 -6.68 21.96 15.20
N PHE B 101 -5.66 21.71 16.01
CA PHE B 101 -4.97 22.79 16.70
C PHE B 101 -4.21 23.65 15.70
N GLY B 102 -3.44 23.01 14.83
CA GLY B 102 -2.70 23.72 13.80
C GLY B 102 -3.61 24.55 12.90
N GLU B 103 -4.77 23.99 12.57
CA GLU B 103 -5.75 24.70 11.76
C GLU B 103 -6.26 25.96 12.44
N LEU B 104 -6.64 25.81 13.70
CA LEU B 104 -7.23 26.92 14.43
C LEU B 104 -6.21 28.01 14.74
N MET B 105 -4.98 27.61 15.06
CA MET B 105 -3.95 28.61 15.38
C MET B 105 -3.62 29.46 14.14
N ARG B 106 -3.57 28.83 12.97
CA ARG B 106 -3.41 29.60 11.73
C ARG B 106 -4.63 30.50 11.44
N MET B 107 -5.84 29.98 11.60
CA MET B 107 -7.04 30.77 11.33
CA MET B 107 -7.04 30.77 11.33
C MET B 107 -7.10 31.99 12.24
N THR B 108 -6.69 31.79 13.50
CA THR B 108 -6.68 32.86 14.48
C THR B 108 -5.71 33.95 14.07
N SER B 109 -4.50 33.54 13.69
CA SER B 109 -3.48 34.49 13.26
CA SER B 109 -3.48 34.49 13.26
C SER B 109 -3.83 35.11 11.91
N LEU B 110 -4.50 34.35 11.05
CA LEU B 110 -4.84 34.82 9.70
C LEU B 110 -5.82 35.98 9.71
N LYS B 111 -6.50 36.19 10.84
CA LYS B 111 -7.33 37.38 10.99
C LYS B 111 -6.47 38.63 10.91
N TYR B 112 -5.23 38.54 11.40
CA TYR B 112 -4.34 39.69 11.48
C TYR B 112 -3.34 39.77 10.31
N VAL B 113 -2.59 38.69 10.09
CA VAL B 113 -1.53 38.71 9.08
C VAL B 113 -1.70 37.61 8.02
N PRO B 114 -1.55 37.99 6.74
CA PRO B 114 -1.61 37.02 5.64
C PRO B 114 -0.57 35.92 5.75
N THR B 115 0.59 36.28 6.27
CA THR B 115 1.69 35.32 6.41
C THR B 115 1.47 34.29 7.50
N ALA B 116 0.30 34.34 8.13
CA ALA B 116 -0.09 33.31 9.09
C ALA B 116 -0.01 31.91 8.47
N ILE B 117 -0.19 31.80 7.15
CA ILE B 117 -0.25 30.46 6.53
C ILE B 117 1.13 29.84 6.40
N LEU B 118 2.16 30.59 6.76
CA LEU B 118 3.53 30.07 6.77
C LEU B 118 3.86 29.28 8.02
N SER B 119 2.99 29.36 9.03
CA SER B 119 3.27 28.72 10.32
C SER B 119 3.07 27.21 10.28
N ARG B 120 4.02 26.48 10.87
CA ARG B 120 3.91 25.04 10.98
C ARG B 120 3.62 24.61 12.43
N GLN B 121 3.17 25.54 13.27
CA GLN B 121 2.79 25.22 14.65
C GLN B 121 1.79 24.09 14.66
N SER B 122 2.02 23.10 15.52
CA SER B 122 1.14 21.95 15.59
CA SER B 122 1.13 21.95 15.59
C SER B 122 0.87 21.56 17.04
N ALA B 123 0.15 20.45 17.22
CA ALA B 123 -0.10 19.92 18.54
C ALA B 123 -0.26 18.42 18.45
N GLY B 124 0.07 17.72 19.53
CA GLY B 124 -0.04 16.28 19.54
C GLY B 124 -0.03 15.71 20.94
N ILE B 125 -0.23 14.40 21.03
CA ILE B 125 -0.28 13.71 22.31
C ILE B 125 0.93 12.82 22.49
N ARG B 126 1.60 12.95 23.64
CA ARG B 126 2.57 11.95 24.08
C ARG B 126 2.11 11.41 25.43
N ASN B 127 1.62 10.17 25.41
CA ASN B 127 1.09 9.51 26.60
C ASN B 127 0.01 10.36 27.27
N LYS B 128 0.27 10.88 28.47
CA LYS B 128 -0.73 11.64 29.19
C LYS B 128 -0.43 13.15 29.09
N SER B 129 0.30 13.53 28.05
CA SER B 129 0.70 14.92 27.84
C SER B 129 0.21 15.50 26.52
N LEU B 130 -0.31 16.71 26.58
CA LEU B 130 -0.63 17.46 25.37
C LEU B 130 0.49 18.46 25.08
N ILE B 131 1.06 18.38 23.88
CA ILE B 131 2.08 19.32 23.45
C ILE B 131 1.55 20.25 22.38
N ILE B 132 1.71 21.55 22.58
CA ILE B 132 1.26 22.54 21.59
C ILE B 132 2.39 23.51 21.29
N ASN B 133 2.63 23.78 20.00
CA ASN B 133 3.57 24.83 19.59
C ASN B 133 2.88 26.19 19.56
N LEU B 134 3.42 27.15 20.31
CA LEU B 134 2.84 28.50 20.37
C LEU B 134 3.68 29.48 19.53
N PRO B 135 3.16 30.72 19.32
CA PRO B 135 3.98 31.68 18.55
C PRO B 135 5.16 32.20 19.37
N GLY B 136 5.87 33.18 18.82
CA GLY B 136 7.05 33.72 19.47
C GLY B 136 6.83 35.01 20.24
N LYS B 137 5.86 35.81 19.80
CA LYS B 137 5.65 37.13 20.39
C LYS B 137 4.55 37.10 21.44
N PRO B 138 4.76 37.78 22.58
CA PRO B 138 3.81 37.79 23.69
C PRO B 138 2.37 38.07 23.26
N LYS B 139 2.15 39.08 22.42
CA LYS B 139 0.80 39.39 21.95
C LYS B 139 0.21 38.23 21.15
N SER B 140 1.01 37.66 20.27
CA SER B 140 0.59 36.49 19.49
C SER B 140 0.31 35.27 20.38
N ILE B 141 1.14 35.09 21.39
CA ILE B 141 0.95 33.99 22.33
C ILE B 141 -0.40 34.11 23.05
N ARG B 142 -0.73 35.33 23.48
CA ARG B 142 -1.99 35.54 24.20
C ARG B 142 -3.20 35.22 23.32
N GLU B 143 -3.20 35.75 22.10
CA GLU B 143 -4.30 35.50 21.16
C GLU B 143 -4.42 34.02 20.83
N CYS B 144 -3.28 33.35 20.69
CA CYS B 144 -3.26 31.93 20.39
C CYS B 144 -3.85 31.10 21.53
N LEU B 145 -3.39 31.36 22.75
CA LEU B 145 -3.86 30.61 23.92
C LEU B 145 -5.35 30.88 24.16
N GLU B 146 -5.78 32.12 23.96
CA GLU B 146 -7.19 32.45 24.13
C GLU B 146 -8.05 31.62 23.19
N ALA B 147 -7.53 31.36 21.99
CA ALA B 147 -8.26 30.63 20.97
C ALA B 147 -8.31 29.12 21.25
N VAL B 148 -7.18 28.55 21.69
CA VAL B 148 -7.09 27.10 21.79
C VAL B 148 -7.37 26.54 23.18
N PHE B 149 -7.18 27.35 24.22
CA PHE B 149 -7.34 26.84 25.57
C PHE B 149 -8.74 26.25 25.90
N PRO B 150 -9.83 26.81 25.34
CA PRO B 150 -11.12 26.20 25.68
C PRO B 150 -11.25 24.71 25.37
N ALA B 151 -10.35 24.16 24.55
CA ALA B 151 -10.40 22.74 24.22
C ALA B 151 -9.39 21.92 25.03
N ILE B 152 -8.54 22.60 25.79
CA ILE B 152 -7.41 21.93 26.43
C ILE B 152 -7.79 21.08 27.67
N PRO B 153 -8.57 21.63 28.61
CA PRO B 153 -8.89 20.79 29.78
C PRO B 153 -9.56 19.45 29.42
N TYR B 154 -10.49 19.47 28.48
CA TYR B 154 -11.15 18.24 28.07
C TYR B 154 -10.14 17.31 27.40
N CYS B 155 -9.26 17.89 26.58
CA CYS B 155 -8.23 17.07 25.92
C CYS B 155 -7.35 16.38 26.95
N VAL B 156 -6.95 17.13 27.98
CA VAL B 156 -6.09 16.58 29.03
C VAL B 156 -6.86 15.50 29.82
N ASP B 157 -8.17 15.70 30.02
CA ASP B 157 -9.01 14.65 30.63
C ASP B 157 -8.96 13.36 29.83
N LEU B 158 -9.14 13.47 28.51
CA LEU B 158 -9.25 12.30 27.65
C LEU B 158 -7.98 11.48 27.57
N ILE B 159 -6.83 12.14 27.72
CA ILE B 159 -5.53 11.45 27.68
C ILE B 159 -5.08 11.05 29.09
N LEU B 160 -5.97 11.25 30.06
CA LEU B 160 -5.79 10.83 31.45
C LEU B 160 -4.76 11.64 32.22
N GLY B 161 -4.58 12.90 31.83
CA GLY B 161 -3.81 13.85 32.61
C GLY B 161 -4.60 14.34 33.81
N ASN B 162 -4.01 15.24 34.60
CA ASN B 162 -4.68 15.77 35.79
C ASN B 162 -5.82 16.69 35.42
N TYR B 163 -6.70 16.95 36.38
CA TYR B 163 -7.95 17.64 36.10
C TYR B 163 -7.84 19.16 36.26
N MET B 164 -7.76 19.86 35.14
CA MET B 164 -7.70 21.31 35.14
C MET B 164 -9.02 21.92 35.58
N GLN B 165 -8.92 22.90 36.48
CA GLN B 165 -10.09 23.65 36.90
C GLN B 165 -9.94 25.10 36.44
N VAL B 166 -10.83 25.49 35.52
CA VAL B 166 -10.75 26.74 34.81
C VAL B 166 -11.18 27.95 35.64
N ASN B 167 -10.43 29.04 35.51
CA ASN B 167 -10.85 30.33 36.06
C ASN B 167 -11.80 30.98 35.05
N GLU B 168 -13.09 30.80 35.30
CA GLU B 168 -14.11 31.19 34.33
C GLU B 168 -14.26 32.70 34.21
N LYS B 169 -13.66 33.42 35.16
CA LYS B 169 -13.56 34.86 35.07
C LYS B 169 -12.70 35.27 33.88
N ASN B 170 -11.81 34.38 33.45
CA ASN B 170 -10.83 34.73 32.43
C ASN B 170 -10.96 33.95 31.13
N ILE B 171 -11.53 32.75 31.18
CA ILE B 171 -11.64 31.90 30.00
C ILE B 171 -12.72 30.84 30.24
N GLN B 172 -13.33 30.36 29.16
CA GLN B 172 -14.34 29.31 29.26
C GLN B 172 -13.79 28.02 28.70
N ALA B 173 -13.96 26.91 29.42
CA ALA B 173 -13.59 25.62 28.86
C ALA B 173 -14.77 24.66 28.85
N PHE B 174 -14.91 23.98 27.73
CA PHE B 174 -16.05 23.12 27.50
C PHE B 174 -15.71 21.66 27.78
N ARG B 175 -16.51 21.03 28.65
CA ARG B 175 -16.41 19.60 28.86
C ARG B 175 -17.73 18.92 28.52
N PRO B 176 -17.74 18.11 27.45
CA PRO B 176 -18.92 17.32 27.07
C PRO B 176 -19.32 16.35 28.19
N LYS B 177 -20.61 16.30 28.50
CA LYS B 177 -21.10 15.49 29.61
C LYS B 177 -21.28 14.02 29.22
N GLN B 178 -22.26 13.37 29.83
CA GLN B 178 -22.56 11.95 29.65
C GLN B 178 -21.44 11.06 30.21
N GLN C 1 19.55 49.88 -5.69
CA GLN C 1 20.04 49.47 -6.99
C GLN C 1 18.94 48.84 -7.85
N GLY C 2 19.34 47.89 -8.68
CA GLY C 2 18.40 47.18 -9.52
C GLY C 2 17.73 46.06 -8.76
N MET C 3 16.78 45.42 -9.39
CA MET C 3 16.08 44.31 -8.75
C MET C 3 16.75 42.99 -9.07
N GLN C 4 16.71 42.06 -8.13
CA GLN C 4 17.21 40.72 -8.37
C GLN C 4 16.29 40.02 -9.37
N THR C 5 16.87 39.19 -10.23
CA THR C 5 16.05 38.37 -11.11
C THR C 5 15.40 37.25 -10.31
N ILE C 6 14.09 37.09 -10.47
CA ILE C 6 13.38 35.99 -9.81
C ILE C 6 13.24 34.83 -10.78
N HIS C 7 13.74 33.67 -10.39
CA HIS C 7 13.63 32.49 -11.23
C HIS C 7 12.40 31.68 -10.81
N ILE C 8 11.56 31.34 -11.78
CA ILE C 8 10.31 30.67 -11.47
C ILE C 8 10.17 29.37 -12.26
N GLY C 9 9.92 28.28 -11.56
CA GLY C 9 9.73 27.00 -12.21
C GLY C 9 8.26 26.73 -12.45
N VAL C 10 7.93 26.25 -13.64
CA VAL C 10 6.55 25.88 -13.95
C VAL C 10 6.53 24.45 -14.50
N LEU C 11 5.91 23.55 -13.74
CA LEU C 11 5.89 22.15 -14.13
C LEU C 11 4.46 21.70 -14.44
N SER C 12 4.23 21.28 -15.67
CA SER C 12 2.92 20.80 -16.05
C SER C 12 2.86 19.28 -16.11
N ALA C 13 2.01 18.69 -15.27
CA ALA C 13 1.78 17.25 -15.27
C ALA C 13 0.65 16.92 -16.24
N SER C 14 1.00 16.24 -17.33
CA SER C 14 0.06 15.96 -18.42
C SER C 14 0.26 14.53 -18.92
N ASP C 15 -0.80 13.72 -18.82
CA ASP C 15 -0.81 12.36 -19.37
C ASP C 15 -0.91 12.38 -20.89
N ARG C 16 0.07 13.06 -21.51
CA ARG C 16 0.18 13.22 -22.97
C ARG C 16 -0.99 14.02 -23.56
N ALA C 17 -1.98 13.36 -24.16
CA ALA C 17 -3.04 14.09 -24.85
C ALA C 17 -4.48 13.78 -24.40
N SER C 18 -5.04 14.71 -23.62
CA SER C 18 -6.48 14.78 -23.39
C SER C 18 -6.87 16.22 -23.68
N LYS C 19 -5.87 17.09 -23.58
CA LYS C 19 -6.03 18.52 -23.84
C LYS C 19 -6.15 18.82 -25.33
N GLY C 20 -5.31 18.18 -26.14
CA GLY C 20 -5.30 18.40 -27.58
C GLY C 20 -4.28 19.43 -28.02
N VAL C 21 -4.77 20.56 -28.53
CA VAL C 21 -3.91 21.66 -28.94
C VAL C 21 -3.77 22.67 -27.81
N TYR C 22 -4.56 22.48 -26.76
CA TYR C 22 -4.57 23.39 -25.61
C TYR C 22 -3.38 23.15 -24.69
N GLU C 23 -2.42 22.36 -25.14
CA GLU C 23 -1.33 21.84 -24.29
C GLU C 23 -0.62 22.85 -23.39
N ASP C 24 -0.76 24.14 -23.68
CA ASP C 24 0.09 25.15 -23.08
C ASP C 24 -0.63 26.19 -22.21
N LEU C 25 -1.95 26.12 -22.16
CA LEU C 25 -2.77 27.20 -21.58
C LEU C 25 -2.52 27.50 -20.10
N SER C 26 -2.21 26.47 -19.32
CA SER C 26 -2.05 26.65 -17.87
C SER C 26 -0.76 27.41 -17.54
N GLY C 27 0.34 27.02 -18.17
CA GLY C 27 1.61 27.65 -17.92
C GLY C 27 1.66 29.10 -18.35
N LYS C 28 0.88 29.46 -19.37
CA LYS C 28 0.83 30.84 -19.84
C LYS C 28 0.08 31.70 -18.84
N ALA C 29 -1.03 31.15 -18.34
CA ALA C 29 -1.82 31.80 -17.32
C ALA C 29 -0.94 32.15 -16.12
N ILE C 30 -0.12 31.18 -15.73
CA ILE C 30 0.82 31.37 -14.63
C ILE C 30 1.84 32.47 -14.95
N GLN C 31 2.39 32.41 -16.17
CA GLN C 31 3.34 33.43 -16.62
C GLN C 31 2.72 34.82 -16.56
N GLU C 32 1.50 34.94 -17.07
CA GLU C 32 0.81 36.23 -17.14
C GLU C 32 0.56 36.82 -15.75
N VAL C 33 0.09 35.98 -14.84
CA VAL C 33 -0.23 36.44 -13.49
C VAL C 33 1.01 36.92 -12.73
N LEU C 34 2.06 36.10 -12.73
CA LEU C 34 3.27 36.43 -12.00
C LEU C 34 3.98 37.64 -12.60
N SER C 35 3.89 37.81 -13.91
CA SER C 35 4.46 38.99 -14.58
C SER C 35 3.72 40.24 -14.14
N GLU C 36 2.47 40.06 -13.75
CA GLU C 36 1.60 41.15 -13.31
C GLU C 36 1.81 41.45 -11.82
N TYR C 37 2.19 40.42 -11.06
CA TYR C 37 2.35 40.57 -9.61
C TYR C 37 3.72 41.08 -9.22
N LEU C 38 4.71 40.85 -10.07
CA LEU C 38 6.10 41.15 -9.72
C LEU C 38 6.69 42.22 -10.59
N LEU C 39 7.49 43.09 -9.98
CA LEU C 39 8.22 44.12 -10.69
C LEU C 39 9.57 43.61 -11.17
N ASN C 40 10.07 42.55 -10.54
CA ASN C 40 11.37 42.00 -10.87
C ASN C 40 11.45 41.51 -12.30
N PRO C 41 12.64 41.56 -12.91
CA PRO C 41 12.81 40.77 -14.12
C PRO C 41 12.64 39.30 -13.78
N LEU C 42 11.94 38.55 -14.61
CA LEU C 42 11.66 37.15 -14.32
C LEU C 42 12.30 36.20 -15.32
N GLU C 43 12.71 35.03 -14.85
CA GLU C 43 13.14 33.98 -15.77
C GLU C 43 12.39 32.70 -15.44
N PHE C 44 11.52 32.29 -16.34
CA PHE C 44 10.73 31.08 -16.11
C PHE C 44 11.46 29.85 -16.61
N HIS C 45 11.31 28.76 -15.88
CA HIS C 45 11.84 27.47 -16.31
C HIS C 45 10.69 26.49 -16.43
N TYR C 46 10.29 26.21 -17.67
CA TYR C 46 9.07 25.45 -17.94
C TYR C 46 9.38 24.04 -18.41
N GLU C 47 8.59 23.09 -17.95
CA GLU C 47 8.73 21.71 -18.39
C GLU C 47 7.41 20.97 -18.29
N ILE C 48 7.09 20.20 -19.32
CA ILE C 48 5.99 19.27 -19.30
C ILE C 48 6.54 17.87 -19.05
N VAL C 49 5.98 17.18 -18.07
CA VAL C 49 6.41 15.80 -17.80
C VAL C 49 5.21 14.88 -17.71
N ALA C 50 5.42 13.61 -18.07
CA ALA C 50 4.38 12.61 -17.97
C ALA C 50 3.97 12.41 -16.51
N ASP C 51 2.76 11.90 -16.30
CA ASP C 51 2.24 11.66 -14.96
C ASP C 51 2.94 10.52 -14.23
N GLU C 52 4.27 10.53 -14.22
CA GLU C 52 5.03 9.53 -13.48
CA GLU C 52 5.05 9.54 -13.50
C GLU C 52 5.72 10.20 -12.30
N ARG C 53 5.53 9.64 -11.12
CA ARG C 53 6.02 10.27 -9.89
C ARG C 53 7.52 10.56 -9.92
N ASP C 54 8.32 9.59 -10.35
CA ASP C 54 9.77 9.78 -10.35
C ASP C 54 10.20 10.92 -11.28
N LEU C 55 9.57 11.01 -12.46
CA LEU C 55 9.91 12.07 -13.41
C LEU C 55 9.58 13.45 -12.86
N ILE C 56 8.43 13.57 -12.21
CA ILE C 56 8.02 14.83 -11.60
C ILE C 56 8.97 15.22 -10.47
N GLU C 57 9.31 14.24 -9.63
CA GLU C 57 10.32 14.44 -8.59
C GLU C 57 11.62 14.99 -9.16
N LYS C 58 12.15 14.32 -10.18
CA LYS C 58 13.40 14.74 -10.82
C LYS C 58 13.29 16.15 -11.38
N SER C 59 12.14 16.47 -11.95
CA SER C 59 11.93 17.78 -12.57
C SER C 59 11.87 18.89 -11.52
N LEU C 60 11.17 18.65 -10.42
CA LEU C 60 11.13 19.60 -9.32
C LEU C 60 12.54 19.83 -8.76
N ILE C 61 13.28 18.73 -8.62
CA ILE C 61 14.63 18.79 -8.06
C ILE C 61 15.53 19.60 -8.98
N LYS C 62 15.36 19.42 -10.29
CA LYS C 62 16.15 20.15 -11.28
C LYS C 62 15.86 21.65 -11.20
N MET C 63 14.58 22.01 -11.09
CA MET C 63 14.20 23.42 -11.03
C MET C 63 14.76 24.10 -9.78
N CYS C 64 14.66 23.42 -8.65
CA CYS C 64 15.20 23.95 -7.39
C CYS C 64 16.71 23.98 -7.35
N ASP C 65 17.34 22.83 -7.63
CA ASP C 65 18.77 22.66 -7.39
C ASP C 65 19.66 23.25 -8.50
N GLU C 66 19.20 23.16 -9.74
CA GLU C 66 20.03 23.57 -10.86
C GLU C 66 19.65 24.94 -11.40
N TYR C 67 18.36 25.13 -11.65
CA TYR C 67 17.86 26.40 -12.17
C TYR C 67 17.73 27.43 -11.04
N GLN C 68 17.91 26.97 -9.81
CA GLN C 68 17.85 27.81 -8.62
C GLN C 68 16.58 28.65 -8.56
N CYS C 69 15.44 28.01 -8.76
CA CYS C 69 14.16 28.72 -8.72
C CYS C 69 13.78 29.13 -7.31
N ASP C 70 13.32 30.37 -7.17
CA ASP C 70 12.83 30.88 -5.90
C ASP C 70 11.43 30.36 -5.64
N LEU C 71 10.64 30.32 -6.70
CA LEU C 71 9.28 29.77 -6.66
C LEU C 71 9.15 28.69 -7.71
N VAL C 72 8.59 27.55 -7.32
CA VAL C 72 8.31 26.49 -8.28
C VAL C 72 6.83 26.15 -8.17
N VAL C 73 6.10 26.26 -9.27
CA VAL C 73 4.69 25.88 -9.22
C VAL C 73 4.34 24.75 -10.19
N THR C 74 3.43 23.88 -9.77
CA THR C 74 2.98 22.78 -10.62
C THR C 74 1.54 23.00 -10.98
N THR C 75 1.09 22.35 -12.04
CA THR C 75 -0.30 22.47 -12.45
C THR C 75 -0.83 21.09 -12.83
N GLY C 76 -2.03 20.77 -12.35
CA GLY C 76 -2.66 19.49 -12.65
C GLY C 76 -2.31 18.38 -11.68
N GLY C 77 -3.07 17.29 -11.77
CA GLY C 77 -2.77 16.04 -11.08
C GLY C 77 -2.78 16.03 -9.56
N THR C 78 -3.75 16.69 -8.96
CA THR C 78 -3.77 16.85 -7.51
C THR C 78 -5.10 16.41 -6.88
N GLY C 79 -5.90 15.66 -7.65
CA GLY C 79 -7.19 15.22 -7.16
C GLY C 79 -7.17 13.78 -6.64
N PRO C 80 -8.36 13.20 -6.44
CA PRO C 80 -8.42 11.84 -5.89
C PRO C 80 -8.16 10.73 -6.89
N ALA C 81 -8.13 11.04 -8.19
CA ALA C 81 -7.97 10.00 -9.21
C ALA C 81 -6.62 9.33 -9.11
N LEU C 82 -6.56 8.08 -9.56
CA LEU C 82 -5.38 7.23 -9.38
C LEU C 82 -4.07 7.87 -9.86
N ARG C 83 -4.07 8.43 -11.07
CA ARG C 83 -2.83 8.93 -11.65
C ARG C 83 -2.48 10.35 -11.21
N ASP C 84 -3.26 10.90 -10.28
CA ASP C 84 -2.95 12.22 -9.74
C ASP C 84 -1.88 12.15 -8.64
N ILE C 85 -0.61 12.12 -9.04
CA ILE C 85 0.46 11.87 -8.09
C ILE C 85 1.36 13.08 -7.85
N THR C 86 0.95 14.25 -8.31
CA THR C 86 1.78 15.45 -8.13
C THR C 86 2.01 15.79 -6.66
N PRO C 87 0.98 15.69 -5.79
CA PRO C 87 1.28 16.03 -4.39
C PRO C 87 2.26 15.05 -3.73
N GLU C 88 2.20 13.77 -4.10
CA GLU C 88 3.14 12.79 -3.57
C GLU C 88 4.57 13.11 -3.96
N ALA C 89 4.77 13.49 -5.21
CA ALA C 89 6.09 13.85 -5.69
C ALA C 89 6.58 15.11 -4.97
N THR C 90 5.66 16.03 -4.75
CA THR C 90 5.99 17.29 -4.09
C THR C 90 6.48 17.06 -2.68
N LYS C 91 5.77 16.21 -1.96
CA LYS C 91 6.10 15.90 -0.58
CA LYS C 91 6.10 15.92 -0.57
C LYS C 91 7.46 15.24 -0.48
N LYS C 92 7.77 14.42 -1.47
CA LYS C 92 9.02 13.66 -1.46
C LYS C 92 10.23 14.57 -1.60
N VAL C 93 10.12 15.65 -2.37
CA VAL C 93 11.28 16.48 -2.62
C VAL C 93 11.40 17.63 -1.63
N CYS C 94 10.32 17.93 -0.92
CA CYS C 94 10.36 19.01 0.08
C CYS C 94 10.88 18.53 1.44
N GLN C 95 11.54 19.43 2.16
CA GLN C 95 12.04 19.13 3.50
C GLN C 95 11.02 19.48 4.58
N LYS C 96 10.33 20.60 4.40
CA LYS C 96 9.25 21.02 5.28
C LYS C 96 8.01 21.24 4.44
N MET C 97 6.86 20.74 4.88
CA MET C 97 5.61 21.11 4.20
C MET C 97 4.95 22.27 4.93
N LEU C 98 4.14 23.04 4.20
CA LEU C 98 3.43 24.19 4.75
C LEU C 98 1.91 23.98 4.62
N PRO C 99 1.29 23.36 5.63
CA PRO C 99 -0.13 22.99 5.51
C PRO C 99 -1.05 24.21 5.35
N GLY C 100 -0.60 25.37 5.80
CA GLY C 100 -1.39 26.60 5.67
C GLY C 100 -1.75 26.94 4.23
N PHE C 101 -0.85 26.64 3.30
CA PHE C 101 -1.11 26.91 1.89
C PHE C 101 -2.24 26.03 1.36
N GLY C 102 -2.16 24.73 1.66
CA GLY C 102 -3.19 23.80 1.25
C GLY C 102 -4.55 24.17 1.80
N GLU C 103 -4.58 24.56 3.07
CA GLU C 103 -5.82 24.98 3.71
C GLU C 103 -6.43 26.18 3.00
N LEU C 104 -5.61 27.18 2.73
CA LEU C 104 -6.06 28.41 2.10
C LEU C 104 -6.55 28.15 0.67
N MET C 105 -5.82 27.33 -0.07
CA MET C 105 -6.18 27.07 -1.47
C MET C 105 -7.53 26.33 -1.54
N ARG C 106 -7.76 25.43 -0.60
CA ARG C 106 -9.03 24.72 -0.55
C ARG C 106 -10.18 25.63 -0.12
N MET C 107 -9.93 26.48 0.88
CA MET C 107 -10.96 27.40 1.36
C MET C 107 -11.37 28.40 0.28
N THR C 108 -10.39 28.90 -0.46
CA THR C 108 -10.63 29.82 -1.56
C THR C 108 -11.55 29.20 -2.61
N SER C 109 -11.24 27.98 -3.01
CA SER C 109 -12.02 27.29 -4.03
CA SER C 109 -12.01 27.28 -4.03
C SER C 109 -13.38 26.87 -3.51
N LEU C 110 -13.47 26.63 -2.20
CA LEU C 110 -14.72 26.18 -1.58
C LEU C 110 -15.81 27.26 -1.59
N LYS C 111 -15.42 28.51 -1.75
CA LYS C 111 -16.41 29.57 -1.86
C LYS C 111 -17.12 29.45 -3.21
N TYR C 112 -16.47 28.75 -4.14
CA TYR C 112 -17.03 28.51 -5.46
C TYR C 112 -17.71 27.14 -5.57
N VAL C 113 -16.92 26.09 -5.37
CA VAL C 113 -17.42 24.74 -5.62
C VAL C 113 -17.22 23.80 -4.41
N PRO C 114 -18.25 22.99 -4.11
CA PRO C 114 -18.18 22.07 -2.97
C PRO C 114 -17.06 21.04 -3.11
N THR C 115 -16.68 20.73 -4.35
CA THR C 115 -15.69 19.70 -4.59
C THR C 115 -14.27 20.19 -4.36
N ALA C 116 -14.14 21.42 -3.88
CA ALA C 116 -12.84 21.96 -3.49
C ALA C 116 -12.14 21.08 -2.45
N ILE C 117 -12.91 20.38 -1.62
CA ILE C 117 -12.32 19.60 -0.54
C ILE C 117 -11.66 18.33 -1.06
N LEU C 118 -11.85 18.04 -2.34
CA LEU C 118 -11.24 16.86 -2.95
C LEU C 118 -9.77 17.09 -3.29
N SER C 119 -9.37 18.36 -3.33
CA SER C 119 -8.02 18.72 -3.77
C SER C 119 -6.93 18.34 -2.75
N ARG C 120 -5.82 17.83 -3.27
CA ARG C 120 -4.68 17.51 -2.42
C ARG C 120 -3.51 18.47 -2.68
N GLN C 121 -3.82 19.61 -3.29
CA GLN C 121 -2.80 20.65 -3.53
C GLN C 121 -2.09 21.03 -2.25
N SER C 122 -0.76 21.12 -2.32
CA SER C 122 0.07 21.40 -1.15
CA SER C 122 0.02 21.47 -1.13
C SER C 122 1.15 22.42 -1.47
N ALA C 123 1.97 22.74 -0.47
CA ALA C 123 3.11 23.60 -0.65
C ALA C 123 4.18 23.18 0.35
N GLY C 124 5.43 23.44 0.00
CA GLY C 124 6.53 23.06 0.87
C GLY C 124 7.82 23.71 0.46
N ILE C 125 8.84 23.51 1.29
CA ILE C 125 10.16 24.11 1.10
C ILE C 125 11.20 23.08 0.71
N ARG C 126 11.96 23.36 -0.33
CA ARG C 126 13.18 22.62 -0.61
C ARG C 126 14.33 23.62 -0.69
N ASN C 127 15.17 23.61 0.34
CA ASN C 127 16.30 24.54 0.41
C ASN C 127 15.81 25.98 0.26
N LYS C 128 16.23 26.66 -0.80
CA LYS C 128 15.83 28.05 -0.98
C LYS C 128 14.66 28.19 -1.97
N SER C 129 13.86 27.15 -2.11
CA SER C 129 12.77 27.13 -3.07
C SER C 129 11.44 26.87 -2.39
N LEU C 130 10.43 27.68 -2.72
CA LEU C 130 9.06 27.40 -2.32
C LEU C 130 8.35 26.69 -3.46
N ILE C 131 7.81 25.50 -3.19
CA ILE C 131 7.06 24.74 -4.18
C ILE C 131 5.58 24.74 -3.83
N ILE C 132 4.73 25.07 -4.79
CA ILE C 132 3.29 25.10 -4.59
C ILE C 132 2.56 24.39 -5.73
N ASN C 133 1.60 23.54 -5.38
CA ASN C 133 0.74 22.91 -6.36
C ASN C 133 -0.45 23.81 -6.68
N LEU C 134 -0.62 24.16 -7.95
CA LEU C 134 -1.71 25.02 -8.39
C LEU C 134 -2.79 24.21 -9.12
N PRO C 135 -3.97 24.82 -9.35
CA PRO C 135 -4.99 24.09 -10.10
C PRO C 135 -4.60 23.84 -11.56
N GLY C 136 -5.51 23.28 -12.34
CA GLY C 136 -5.22 22.91 -13.71
C GLY C 136 -5.68 23.92 -14.74
N LYS C 137 -6.75 24.65 -14.44
CA LYS C 137 -7.34 25.56 -15.42
C LYS C 137 -7.01 27.03 -15.12
N PRO C 138 -6.84 27.84 -16.18
CA PRO C 138 -6.49 29.26 -16.10
C PRO C 138 -7.31 30.07 -15.09
N LYS C 139 -8.62 29.93 -15.11
CA LYS C 139 -9.49 30.66 -14.18
C LYS C 139 -9.18 30.32 -12.72
N SER C 140 -9.11 29.03 -12.42
CA SER C 140 -8.81 28.57 -11.07
C SER C 140 -7.39 28.98 -10.65
N ILE C 141 -6.48 28.97 -11.61
CA ILE C 141 -5.09 29.34 -11.34
C ILE C 141 -4.97 30.80 -10.91
N ARG C 142 -5.68 31.70 -11.59
CA ARG C 142 -5.65 33.11 -11.22
C ARG C 142 -6.22 33.31 -9.83
N GLU C 143 -7.36 32.67 -9.56
CA GLU C 143 -8.02 32.76 -8.25
C GLU C 143 -7.12 32.23 -7.14
N CYS C 144 -6.39 31.17 -7.45
CA CYS C 144 -5.51 30.54 -6.48
C CYS C 144 -4.31 31.43 -6.17
N LEU C 145 -3.64 31.92 -7.21
CA LEU C 145 -2.48 32.78 -7.03
C LEU C 145 -2.86 34.09 -6.33
N GLU C 146 -4.04 34.61 -6.65
CA GLU C 146 -4.51 35.83 -6.02
C GLU C 146 -4.60 35.65 -4.51
N ALA C 147 -5.01 34.47 -4.09
CA ALA C 147 -5.20 34.19 -2.67
C ALA C 147 -3.89 33.95 -1.92
N VAL C 148 -2.97 33.21 -2.53
CA VAL C 148 -1.77 32.78 -1.82
C VAL C 148 -0.57 33.71 -2.00
N PHE C 149 -0.56 34.50 -3.07
CA PHE C 149 0.65 35.27 -3.35
C PHE C 149 1.01 36.30 -2.28
N PRO C 150 0.02 36.89 -1.56
CA PRO C 150 0.46 37.83 -0.53
C PRO C 150 1.45 37.25 0.50
N ALA C 151 1.45 35.94 0.69
CA ALA C 151 2.34 35.33 1.67
C ALA C 151 3.65 34.87 1.07
N ILE C 152 3.77 34.94 -0.26
CA ILE C 152 4.90 34.33 -0.95
C ILE C 152 6.22 35.11 -0.86
N PRO C 153 6.22 36.43 -1.16
CA PRO C 153 7.50 37.13 -1.03
C PRO C 153 8.15 36.96 0.34
N TYR C 154 7.37 36.99 1.41
CA TYR C 154 7.96 36.90 2.74
C TYR C 154 8.50 35.49 2.97
N CYS C 155 7.77 34.50 2.49
CA CYS C 155 8.19 33.11 2.62
C CYS C 155 9.52 32.90 1.90
N VAL C 156 9.61 33.46 0.71
CA VAL C 156 10.84 33.37 -0.06
C VAL C 156 11.99 34.09 0.65
N ASP C 157 11.70 35.23 1.30
CA ASP C 157 12.71 35.90 2.12
C ASP C 157 13.26 34.95 3.18
N LEU C 158 12.34 34.30 3.90
CA LEU C 158 12.69 33.49 5.06
C LEU C 158 13.53 32.27 4.71
N ILE C 159 13.33 31.75 3.51
CA ILE C 159 14.11 30.59 3.08
C ILE C 159 15.34 31.01 2.29
N LEU C 160 15.61 32.32 2.30
CA LEU C 160 16.81 32.92 1.72
C LEU C 160 16.81 32.90 0.19
N GLY C 161 15.62 32.97 -0.41
CA GLY C 161 15.51 33.11 -1.85
C GLY C 161 15.69 34.55 -2.24
N ASN C 162 15.62 34.86 -3.53
CA ASN C 162 15.78 36.24 -3.98
C ASN C 162 14.61 37.13 -3.58
N TYR C 163 14.86 38.44 -3.55
CA TYR C 163 13.92 39.39 -2.98
C TYR C 163 12.88 39.88 -3.98
N MET C 164 11.66 39.38 -3.83
CA MET C 164 10.55 39.78 -4.69
C MET C 164 10.07 41.20 -4.41
N GLN C 165 9.96 41.99 -5.47
CA GLN C 165 9.44 43.34 -5.37
C GLN C 165 8.06 43.37 -6.03
N VAL C 166 7.04 43.49 -5.19
CA VAL C 166 5.65 43.34 -5.59
C VAL C 166 5.10 44.55 -6.36
N ASN C 167 4.35 44.29 -7.42
CA ASN C 167 3.61 45.36 -8.09
C ASN C 167 2.37 45.64 -7.28
N GLU C 168 2.42 46.70 -6.47
CA GLU C 168 1.36 46.95 -5.49
C GLU C 168 0.11 47.53 -6.15
N LYS C 169 0.17 47.72 -7.46
CA LYS C 169 -1.01 48.12 -8.22
C LYS C 169 -1.91 46.92 -8.48
N ASN C 170 -1.32 45.72 -8.47
CA ASN C 170 -2.05 44.52 -8.85
C ASN C 170 -2.29 43.54 -7.71
N ILE C 171 -1.39 43.54 -6.73
CA ILE C 171 -1.48 42.63 -5.61
C ILE C 171 -0.75 43.25 -4.43
N GLN C 172 -1.15 42.91 -3.22
CA GLN C 172 -0.47 43.38 -2.03
C GLN C 172 0.23 42.22 -1.34
N ALA C 173 1.48 42.40 -0.95
CA ALA C 173 2.19 41.35 -0.25
C ALA C 173 2.76 41.84 1.08
N PHE C 174 2.57 41.04 2.12
CA PHE C 174 2.87 41.44 3.47
C PHE C 174 4.25 40.98 3.93
N ARG C 175 5.05 41.94 4.38
CA ARG C 175 6.30 41.62 5.09
C ARG C 175 6.22 42.26 6.46
N PRO C 176 6.18 41.43 7.51
CA PRO C 176 5.98 41.95 8.88
C PRO C 176 7.13 42.81 9.36
N LYS C 177 6.87 43.63 10.38
CA LYS C 177 7.86 44.56 10.90
C LYS C 177 9.02 43.82 11.56
N GLN D 1 2.95 -9.31 -46.61
CA GLN D 1 3.10 -10.49 -47.45
C GLN D 1 2.40 -11.70 -46.84
N GLY D 2 3.02 -12.86 -47.04
CA GLY D 2 2.50 -14.10 -46.52
C GLY D 2 2.68 -14.20 -45.02
N MET D 3 1.56 -14.31 -44.31
CA MET D 3 1.61 -14.63 -42.91
C MET D 3 2.12 -16.05 -42.76
N GLN D 4 2.94 -16.28 -41.74
CA GLN D 4 3.43 -17.62 -41.49
C GLN D 4 2.29 -18.51 -41.02
N THR D 5 2.37 -19.79 -41.39
CA THR D 5 1.43 -20.77 -40.85
C THR D 5 1.79 -21.03 -39.40
N ILE D 6 0.79 -21.01 -38.53
CA ILE D 6 1.01 -21.33 -37.13
C ILE D 6 0.54 -22.77 -36.87
N HIS D 7 1.45 -23.60 -36.38
CA HIS D 7 1.08 -24.96 -36.03
C HIS D 7 0.74 -25.02 -34.55
N ILE D 8 -0.43 -25.59 -34.26
CA ILE D 8 -0.93 -25.60 -32.89
C ILE D 8 -1.27 -27.02 -32.46
N GLY D 9 -0.65 -27.46 -31.38
CA GLY D 9 -0.91 -28.78 -30.84
C GLY D 9 -2.07 -28.75 -29.87
N VAL D 10 -2.97 -29.71 -29.99
CA VAL D 10 -4.10 -29.80 -29.09
C VAL D 10 -4.17 -31.21 -28.52
N LEU D 11 -3.83 -31.35 -27.25
CA LEU D 11 -3.72 -32.65 -26.62
C LEU D 11 -4.80 -32.83 -25.57
N SER D 12 -5.70 -33.77 -25.80
CA SER D 12 -6.74 -34.08 -24.84
C SER D 12 -6.36 -35.32 -24.04
N ALA D 13 -6.18 -35.14 -22.73
CA ALA D 13 -5.82 -36.23 -21.84
C ALA D 13 -7.07 -36.83 -21.21
N SER D 14 -7.27 -38.12 -21.45
CA SER D 14 -8.50 -38.78 -21.02
C SER D 14 -8.40 -40.29 -21.10
N ASP D 15 -8.81 -40.96 -20.03
CA ASP D 15 -8.87 -42.41 -20.02
C ASP D 15 -10.13 -42.86 -20.76
N ARG D 16 -10.94 -41.88 -21.14
CA ARG D 16 -12.13 -42.08 -21.99
C ARG D 16 -13.25 -42.86 -21.31
N ALA D 17 -12.93 -43.55 -20.23
CA ALA D 17 -13.89 -44.40 -19.54
C ALA D 17 -14.74 -43.62 -18.55
N SER D 18 -15.15 -42.42 -18.93
CA SER D 18 -15.98 -41.57 -18.07
C SER D 18 -17.11 -40.91 -18.85
N TYR D 22 -19.31 -39.42 -26.15
CA TYR D 22 -17.96 -39.31 -26.68
C TYR D 22 -17.82 -38.15 -27.65
N GLU D 23 -17.75 -36.94 -27.11
CA GLU D 23 -17.56 -35.77 -27.95
C GLU D 23 -16.69 -34.74 -27.23
N ASP D 24 -15.44 -34.67 -27.66
CA ASP D 24 -14.47 -33.73 -27.09
C ASP D 24 -14.89 -32.29 -27.40
N LEU D 25 -15.85 -31.78 -26.63
CA LEU D 25 -16.27 -30.39 -26.75
C LEU D 25 -15.13 -29.44 -26.40
N SER D 26 -14.18 -29.92 -25.60
CA SER D 26 -13.05 -29.12 -25.17
C SER D 26 -12.09 -28.83 -26.31
N GLY D 27 -11.72 -29.88 -27.06
CA GLY D 27 -10.85 -29.72 -28.21
C GLY D 27 -11.44 -28.76 -29.23
N LYS D 28 -12.74 -28.87 -29.46
CA LYS D 28 -13.42 -27.98 -30.40
C LYS D 28 -13.43 -26.52 -29.92
N ALA D 29 -13.68 -26.31 -28.64
CA ALA D 29 -13.65 -24.97 -28.06
C ALA D 29 -12.29 -24.30 -28.26
N ILE D 30 -11.24 -25.08 -28.05
CA ILE D 30 -9.88 -24.58 -28.21
C ILE D 30 -9.64 -24.12 -29.65
N GLN D 31 -10.05 -24.93 -30.61
CA GLN D 31 -9.83 -24.59 -32.00
C GLN D 31 -10.68 -23.39 -32.42
N GLU D 32 -11.89 -23.31 -31.89
CA GLU D 32 -12.78 -22.20 -32.20
C GLU D 32 -12.20 -20.87 -31.70
N VAL D 33 -11.76 -20.86 -30.44
CA VAL D 33 -11.22 -19.66 -29.83
C VAL D 33 -9.91 -19.22 -30.51
N LEU D 34 -9.00 -20.16 -30.72
CA LEU D 34 -7.72 -19.80 -31.32
C LEU D 34 -7.91 -19.32 -32.76
N SER D 35 -8.91 -19.86 -33.44
CA SER D 35 -9.20 -19.43 -34.80
C SER D 35 -9.77 -18.01 -34.82
N GLU D 36 -10.44 -17.62 -33.74
CA GLU D 36 -10.93 -16.25 -33.59
C GLU D 36 -9.80 -15.28 -33.29
N TYR D 37 -8.77 -15.76 -32.62
CA TYR D 37 -7.72 -14.89 -32.07
C TYR D 37 -6.57 -14.61 -33.04
N LEU D 38 -6.43 -15.45 -34.06
CA LEU D 38 -5.31 -15.35 -34.99
C LEU D 38 -5.77 -15.15 -36.43
N LEU D 39 -4.98 -14.39 -37.18
CA LEU D 39 -5.25 -14.15 -38.59
C LEU D 39 -4.47 -15.10 -39.48
N ASN D 40 -3.47 -15.76 -38.90
CA ASN D 40 -2.61 -16.68 -39.63
C ASN D 40 -3.37 -17.87 -40.18
N PRO D 41 -2.85 -18.45 -41.28
CA PRO D 41 -3.26 -19.82 -41.59
C PRO D 41 -2.94 -20.69 -40.38
N LEU D 42 -3.88 -21.51 -39.95
CA LEU D 42 -3.64 -22.36 -38.78
C LEU D 42 -3.67 -23.83 -39.16
N GLU D 43 -2.74 -24.60 -38.61
CA GLU D 43 -2.81 -26.03 -38.74
C GLU D 43 -2.83 -26.67 -37.36
N PHE D 44 -3.95 -27.30 -37.04
CA PHE D 44 -4.11 -27.94 -35.75
C PHE D 44 -3.70 -29.40 -35.78
N HIS D 45 -2.95 -29.80 -34.76
CA HIS D 45 -2.55 -31.19 -34.59
C HIS D 45 -3.20 -31.71 -33.31
N TYR D 46 -4.31 -32.42 -33.48
CA TYR D 46 -5.13 -32.85 -32.36
C TYR D 46 -4.93 -34.33 -32.05
N GLU D 47 -4.83 -34.64 -30.76
CA GLU D 47 -4.64 -36.03 -30.34
C GLU D 47 -5.25 -36.31 -28.97
N ILE D 48 -5.83 -37.49 -28.83
CA ILE D 48 -6.33 -38.00 -27.57
C ILE D 48 -5.30 -38.94 -26.96
N VAL D 49 -4.98 -38.73 -25.70
CA VAL D 49 -3.95 -39.52 -25.02
C VAL D 49 -4.45 -39.98 -23.65
N ALA D 50 -4.14 -41.23 -23.29
CA ALA D 50 -4.54 -41.76 -21.99
C ALA D 50 -3.79 -41.08 -20.84
N ASP D 51 -4.36 -41.16 -19.64
CA ASP D 51 -3.78 -40.50 -18.46
C ASP D 51 -2.54 -41.24 -17.96
N GLU D 52 -1.57 -41.43 -18.85
CA GLU D 52 -0.30 -42.04 -18.48
C GLU D 52 0.81 -41.04 -18.76
N ARG D 53 1.65 -40.79 -17.77
CA ARG D 53 2.66 -39.73 -17.86
C ARG D 53 3.56 -39.90 -19.09
N ASP D 54 4.04 -41.12 -19.33
CA ASP D 54 4.95 -41.34 -20.44
C ASP D 54 4.24 -41.12 -21.78
N LEU D 55 2.96 -41.46 -21.84
CA LEU D 55 2.20 -41.28 -23.09
C LEU D 55 1.92 -39.81 -23.41
N ILE D 56 1.67 -39.01 -22.38
CA ILE D 56 1.46 -37.58 -22.60
C ILE D 56 2.78 -36.90 -22.95
N GLU D 57 3.86 -37.33 -22.30
CA GLU D 57 5.20 -36.84 -22.64
C GLU D 57 5.50 -37.11 -24.11
N LYS D 58 5.26 -38.35 -24.53
CA LYS D 58 5.52 -38.75 -25.91
C LYS D 58 4.76 -37.89 -26.91
N SER D 59 3.50 -37.61 -26.59
CA SER D 59 2.62 -36.82 -27.44
C SER D 59 3.08 -35.36 -27.52
N LEU D 60 3.43 -34.79 -26.37
CA LEU D 60 3.93 -33.42 -26.34
C LEU D 60 5.24 -33.27 -27.11
N ILE D 61 6.11 -34.25 -26.98
CA ILE D 61 7.38 -34.24 -27.69
C ILE D 61 7.16 -34.30 -29.19
N LYS D 62 6.18 -35.10 -29.62
CA LYS D 62 5.91 -35.22 -31.05
C LYS D 62 5.37 -33.91 -31.60
N MET D 63 4.46 -33.27 -30.86
CA MET D 63 3.85 -32.03 -31.32
C MET D 63 4.88 -30.90 -31.43
N CYS D 64 5.77 -30.79 -30.46
CA CYS D 64 6.81 -29.76 -30.49
C CYS D 64 7.89 -30.06 -31.51
N ASP D 65 8.42 -31.29 -31.48
CA ASP D 65 9.61 -31.62 -32.23
C ASP D 65 9.34 -32.05 -33.67
N GLU D 66 8.26 -32.80 -33.87
CA GLU D 66 7.97 -33.31 -35.20
C GLU D 66 7.00 -32.40 -35.96
N TYR D 67 5.89 -32.05 -35.33
CA TYR D 67 4.90 -31.19 -35.98
C TYR D 67 5.32 -29.73 -35.91
N GLN D 68 6.40 -29.46 -35.16
CA GLN D 68 6.94 -28.12 -35.00
C GLN D 68 5.87 -27.11 -34.58
N CYS D 69 5.07 -27.49 -33.58
CA CYS D 69 4.04 -26.58 -33.08
C CYS D 69 4.62 -25.41 -32.32
N ASP D 70 4.16 -24.20 -32.66
CA ASP D 70 4.56 -22.99 -31.94
C ASP D 70 3.87 -22.94 -30.58
N LEU D 71 2.65 -23.46 -30.55
CA LEU D 71 1.82 -23.49 -29.36
C LEU D 71 1.21 -24.86 -29.18
N VAL D 72 1.37 -25.44 -28.00
CA VAL D 72 0.71 -26.69 -27.69
C VAL D 72 -0.14 -26.51 -26.44
N VAL D 73 -1.42 -26.85 -26.55
CA VAL D 73 -2.27 -26.74 -25.38
C VAL D 73 -2.83 -28.09 -25.01
N THR D 74 -2.92 -28.34 -23.71
CA THR D 74 -3.51 -29.59 -23.25
C THR D 74 -4.83 -29.29 -22.58
N THR D 75 -5.71 -30.29 -22.52
CA THR D 75 -6.91 -30.16 -21.71
C THR D 75 -7.12 -31.42 -20.89
N GLY D 76 -7.42 -31.25 -19.62
CA GLY D 76 -7.70 -32.38 -18.74
C GLY D 76 -6.52 -32.79 -17.87
N GLY D 77 -6.83 -33.50 -16.78
CA GLY D 77 -5.82 -34.12 -15.94
C GLY D 77 -4.92 -33.20 -15.14
N THR D 78 -5.48 -32.11 -14.62
CA THR D 78 -4.65 -31.10 -13.96
C THR D 78 -5.04 -30.81 -12.51
N GLY D 79 -5.84 -31.68 -11.92
CA GLY D 79 -6.26 -31.50 -10.54
C GLY D 79 -5.44 -32.31 -9.53
N PRO D 80 -5.93 -32.42 -8.29
CA PRO D 80 -5.18 -33.14 -7.26
C PRO D 80 -5.34 -34.66 -7.31
N ALA D 81 -6.24 -35.17 -8.15
CA ALA D 81 -6.53 -36.61 -8.16
C ALA D 81 -5.36 -37.44 -8.68
N LEU D 82 -5.35 -38.72 -8.30
CA LEU D 82 -4.23 -39.61 -8.57
C LEU D 82 -3.77 -39.63 -10.03
N ARG D 83 -4.71 -39.74 -10.95
CA ARG D 83 -4.35 -39.90 -12.36
C ARG D 83 -4.36 -38.58 -13.14
N ASP D 84 -4.31 -37.47 -12.42
CA ASP D 84 -4.17 -36.17 -13.03
C ASP D 84 -2.70 -35.81 -13.16
N ILE D 85 -2.05 -36.32 -14.21
CA ILE D 85 -0.59 -36.20 -14.32
C ILE D 85 -0.13 -35.37 -15.52
N THR D 86 -1.02 -34.59 -16.09
CA THR D 86 -0.66 -33.73 -17.21
C THR D 86 0.38 -32.65 -16.84
N PRO D 87 0.27 -32.04 -15.64
CA PRO D 87 1.34 -31.09 -15.27
C PRO D 87 2.72 -31.74 -15.11
N GLU D 88 2.76 -32.94 -14.53
CA GLU D 88 4.01 -33.68 -14.40
C GLU D 88 4.65 -33.95 -15.76
N ALA D 89 3.83 -34.41 -16.71
CA ALA D 89 4.32 -34.70 -18.05
C ALA D 89 4.82 -33.43 -18.71
N THR D 90 4.10 -32.34 -18.48
CA THR D 90 4.46 -31.04 -19.06
C THR D 90 5.81 -30.55 -18.54
N LYS D 91 6.02 -30.67 -17.24
CA LYS D 91 7.26 -30.22 -16.63
CA LYS D 91 7.26 -30.22 -16.63
C LYS D 91 8.43 -31.05 -17.12
N LYS D 92 8.17 -32.33 -17.38
CA LYS D 92 9.20 -33.26 -17.84
C LYS D 92 9.74 -32.92 -19.23
N VAL D 93 8.89 -32.39 -20.11
CA VAL D 93 9.35 -32.11 -21.47
C VAL D 93 9.78 -30.66 -21.68
N CYS D 94 9.48 -29.80 -20.72
CA CYS D 94 9.89 -28.40 -20.81
C CYS D 94 11.28 -28.13 -20.22
N GLN D 95 11.98 -27.17 -20.80
CA GLN D 95 13.28 -26.74 -20.28
C GLN D 95 13.16 -25.64 -19.24
N LYS D 96 12.19 -24.75 -19.43
CA LYS D 96 11.89 -23.65 -18.52
C LYS D 96 10.40 -23.66 -18.24
N MET D 97 9.99 -23.55 -16.98
CA MET D 97 8.57 -23.34 -16.68
C MET D 97 8.28 -21.85 -16.53
N LEU D 98 7.04 -21.46 -16.81
CA LEU D 98 6.63 -20.06 -16.68
C LEU D 98 5.54 -19.92 -15.62
N PRO D 99 5.94 -19.77 -14.35
CA PRO D 99 5.00 -19.74 -13.23
C PRO D 99 3.92 -18.66 -13.35
N GLY D 100 4.21 -17.59 -14.10
CA GLY D 100 3.24 -16.52 -14.25
C GLY D 100 1.96 -16.99 -14.90
N PHE D 101 2.06 -17.98 -15.80
CA PHE D 101 0.87 -18.50 -16.48
C PHE D 101 -0.03 -19.24 -15.50
N GLY D 102 0.58 -20.10 -14.69
CA GLY D 102 -0.17 -20.83 -13.68
C GLY D 102 -0.85 -19.91 -12.70
N GLU D 103 -0.14 -18.86 -12.28
CA GLU D 103 -0.69 -17.89 -11.35
C GLU D 103 -1.93 -17.24 -11.94
N LEU D 104 -1.82 -16.80 -13.19
CA LEU D 104 -2.89 -16.03 -13.82
C LEU D 104 -4.10 -16.93 -14.11
N MET D 105 -3.84 -18.18 -14.49
CA MET D 105 -4.94 -19.08 -14.81
C MET D 105 -5.75 -19.39 -13.55
N ARG D 106 -5.07 -19.57 -12.42
CA ARG D 106 -5.75 -19.78 -11.15
C ARG D 106 -6.51 -18.54 -10.68
N MET D 107 -5.91 -17.37 -10.86
CA MET D 107 -6.57 -16.12 -10.45
C MET D 107 -7.82 -15.88 -11.27
N THR D 108 -7.73 -16.17 -12.57
CA THR D 108 -8.88 -16.05 -13.47
C THR D 108 -10.02 -16.96 -13.03
N SER D 109 -9.69 -18.22 -12.77
CA SER D 109 -10.68 -19.21 -12.36
CA SER D 109 -10.69 -19.21 -12.37
C SER D 109 -11.25 -18.89 -10.99
N LEU D 110 -10.40 -18.34 -10.12
CA LEU D 110 -10.80 -18.01 -8.76
C LEU D 110 -11.95 -17.00 -8.70
N LYS D 111 -12.12 -16.24 -9.78
CA LYS D 111 -13.22 -15.30 -9.86
C LYS D 111 -14.57 -16.03 -9.89
N TYR D 112 -14.55 -17.29 -10.30
CA TYR D 112 -15.78 -18.06 -10.44
C TYR D 112 -15.97 -19.08 -9.32
N VAL D 113 -14.93 -19.87 -9.06
CA VAL D 113 -15.03 -20.96 -8.09
C VAL D 113 -13.83 -20.98 -7.13
N PRO D 114 -14.09 -21.19 -5.83
CA PRO D 114 -12.99 -21.24 -4.86
C PRO D 114 -12.09 -22.45 -5.05
N THR D 115 -12.61 -23.51 -5.67
CA THR D 115 -11.81 -24.71 -5.89
C THR D 115 -10.76 -24.52 -7.00
N ALA D 116 -10.66 -23.28 -7.50
CA ALA D 116 -9.65 -22.96 -8.49
C ALA D 116 -8.23 -23.21 -7.99
N ILE D 117 -8.03 -23.10 -6.67
CA ILE D 117 -6.68 -23.26 -6.13
C ILE D 117 -6.23 -24.72 -6.14
N LEU D 118 -7.14 -25.63 -6.51
CA LEU D 118 -6.81 -27.04 -6.62
C LEU D 118 -6.11 -27.36 -7.94
N SER D 119 -6.19 -26.43 -8.89
CA SER D 119 -5.63 -26.64 -10.22
C SER D 119 -4.10 -26.58 -10.23
N ARG D 120 -3.48 -27.51 -10.96
CA ARG D 120 -2.03 -27.54 -11.11
C ARG D 120 -1.61 -27.18 -12.54
N GLN D 121 -2.53 -26.55 -13.28
CA GLN D 121 -2.23 -26.10 -14.64
C GLN D 121 -0.99 -25.22 -14.66
N SER D 122 -0.15 -25.45 -15.65
CA SER D 122 1.11 -24.72 -15.77
CA SER D 122 1.09 -24.69 -15.77
C SER D 122 1.43 -24.43 -17.24
N ALA D 123 2.56 -23.78 -17.47
CA ALA D 123 3.03 -23.55 -18.83
C ALA D 123 4.54 -23.54 -18.81
N GLY D 124 5.14 -23.93 -19.93
CA GLY D 124 6.58 -23.92 -20.02
C GLY D 124 7.04 -23.92 -21.45
N ILE D 125 8.36 -23.83 -21.62
CA ILE D 125 8.98 -23.78 -22.92
C ILE D 125 9.71 -25.07 -23.26
N ARG D 126 9.46 -25.60 -24.46
CA ARG D 126 10.32 -26.64 -25.01
C ARG D 126 10.85 -26.17 -26.35
N ASN D 127 12.13 -25.81 -26.38
CA ASN D 127 12.77 -25.28 -27.59
C ASN D 127 11.99 -24.10 -28.15
N LYS D 128 11.40 -24.25 -29.33
CA LYS D 128 10.66 -23.16 -29.95
C LYS D 128 9.15 -23.28 -29.74
N SER D 129 8.75 -23.99 -28.70
CA SER D 129 7.34 -24.24 -28.42
C SER D 129 6.90 -23.80 -27.03
N LEU D 130 5.73 -23.16 -26.98
CA LEU D 130 5.10 -22.85 -25.71
C LEU D 130 4.00 -23.88 -25.43
N ILE D 131 4.11 -24.56 -24.30
CA ILE D 131 3.11 -25.52 -23.86
C ILE D 131 2.29 -24.96 -22.70
N ILE D 132 0.97 -25.02 -22.81
CA ILE D 132 0.11 -24.51 -21.74
C ILE D 132 -1.00 -25.50 -21.40
N ASN D 133 -1.17 -25.80 -20.12
CA ASN D 133 -2.28 -26.62 -19.64
C ASN D 133 -3.55 -25.79 -19.51
N LEU D 134 -4.58 -26.16 -20.26
CA LEU D 134 -5.87 -25.46 -20.20
C LEU D 134 -6.86 -26.28 -19.37
N PRO D 135 -7.99 -25.67 -18.98
CA PRO D 135 -8.95 -26.46 -18.20
C PRO D 135 -9.74 -27.44 -19.08
N GLY D 136 -10.78 -28.03 -18.49
CA GLY D 136 -11.46 -29.16 -19.11
C GLY D 136 -12.77 -28.90 -19.84
N LYS D 137 -13.43 -27.78 -19.55
CA LYS D 137 -14.72 -27.50 -20.18
C LYS D 137 -14.69 -26.20 -20.98
N PRO D 138 -15.46 -26.14 -22.08
CA PRO D 138 -15.50 -25.01 -23.03
C PRO D 138 -15.58 -23.63 -22.38
N LYS D 139 -16.48 -23.45 -21.42
CA LYS D 139 -16.63 -22.16 -20.76
C LYS D 139 -15.34 -21.73 -20.10
N SER D 140 -14.78 -22.63 -19.29
CA SER D 140 -13.51 -22.38 -18.60
C SER D 140 -12.36 -22.21 -19.58
N ILE D 141 -12.42 -22.91 -20.70
CA ILE D 141 -11.35 -22.84 -21.70
C ILE D 141 -11.31 -21.45 -22.35
N ARG D 142 -12.48 -20.90 -22.66
CA ARG D 142 -12.58 -19.59 -23.27
CA ARG D 142 -12.55 -19.58 -23.26
C ARG D 142 -12.10 -18.51 -22.29
N GLU D 143 -12.53 -18.60 -21.04
CA GLU D 143 -12.12 -17.66 -20.02
C GLU D 143 -10.61 -17.70 -19.81
N CYS D 144 -10.06 -18.90 -19.85
CA CYS D 144 -8.63 -19.09 -19.64
C CYS D 144 -7.83 -18.52 -20.81
N LEU D 145 -8.23 -18.87 -22.03
CA LEU D 145 -7.52 -18.39 -23.22
C LEU D 145 -7.64 -16.88 -23.35
N GLU D 146 -8.78 -16.33 -22.96
CA GLU D 146 -8.98 -14.89 -23.07
C GLU D 146 -7.99 -14.16 -22.16
N ALA D 147 -7.70 -14.77 -21.01
CA ALA D 147 -6.81 -14.15 -20.03
C ALA D 147 -5.34 -14.28 -20.39
N VAL D 148 -4.93 -15.44 -20.89
CA VAL D 148 -3.50 -15.66 -21.12
C VAL D 148 -3.03 -15.33 -22.53
N PHE D 149 -3.94 -15.36 -23.52
CA PHE D 149 -3.49 -15.15 -24.90
C PHE D 149 -2.79 -13.80 -25.16
N PRO D 150 -3.17 -12.73 -24.44
CA PRO D 150 -2.45 -11.48 -24.73
C PRO D 150 -0.93 -11.53 -24.52
N ALA D 151 -0.42 -12.56 -23.85
CA ALA D 151 1.02 -12.68 -23.63
C ALA D 151 1.68 -13.72 -24.54
N ILE D 152 0.88 -14.47 -25.29
CA ILE D 152 1.39 -15.60 -26.06
C ILE D 152 2.19 -15.22 -27.34
N PRO D 153 1.69 -14.29 -28.17
CA PRO D 153 2.47 -13.98 -29.38
C PRO D 153 3.89 -13.51 -29.10
N TYR D 154 4.06 -12.66 -28.10
CA TYR D 154 5.38 -12.17 -27.73
C TYR D 154 6.24 -13.30 -27.18
N CYS D 155 5.65 -14.13 -26.31
CA CYS D 155 6.35 -15.30 -25.81
C CYS D 155 6.86 -16.17 -26.96
N VAL D 156 5.99 -16.40 -27.94
CA VAL D 156 6.37 -17.26 -29.07
C VAL D 156 7.49 -16.59 -29.88
N ASP D 157 7.44 -15.26 -29.98
CA ASP D 157 8.53 -14.52 -30.63
C ASP D 157 9.86 -14.78 -29.92
N LEU D 158 9.84 -14.69 -28.60
CA LEU D 158 11.07 -14.74 -27.80
C LEU D 158 11.76 -16.10 -27.87
N ILE D 159 10.97 -17.15 -28.08
CA ILE D 159 11.52 -18.50 -28.13
C ILE D 159 11.76 -18.92 -29.58
N LEU D 160 11.57 -17.96 -30.48
CA LEU D 160 11.87 -18.08 -31.91
C LEU D 160 10.87 -18.94 -32.67
N GLY D 161 9.63 -18.98 -32.18
CA GLY D 161 8.54 -19.60 -32.92
C GLY D 161 8.08 -18.69 -34.04
N ASN D 162 7.09 -19.16 -34.81
CA ASN D 162 6.58 -18.37 -35.93
C ASN D 162 5.82 -17.15 -35.45
N TYR D 163 5.63 -16.18 -36.33
CA TYR D 163 5.10 -14.88 -35.94
C TYR D 163 3.58 -14.81 -36.02
N MET D 164 2.93 -14.85 -34.86
CA MET D 164 1.47 -14.76 -34.79
C MET D 164 0.94 -13.38 -35.15
N GLN D 165 -0.03 -13.34 -36.05
CA GLN D 165 -0.73 -12.12 -36.40
C GLN D 165 -2.10 -12.10 -35.71
N VAL D 166 -2.23 -11.25 -34.70
CA VAL D 166 -3.44 -11.22 -33.87
C VAL D 166 -4.64 -10.60 -34.58
N ASN D 167 -5.81 -11.19 -34.38
CA ASN D 167 -7.06 -10.60 -34.82
C ASN D 167 -7.52 -9.64 -33.73
N GLU D 168 -7.22 -8.36 -33.90
CA GLU D 168 -7.42 -7.39 -32.83
C GLU D 168 -8.88 -7.00 -32.65
N LYS D 169 -9.73 -7.50 -33.56
CA LYS D 169 -11.18 -7.37 -33.41
C LYS D 169 -11.63 -8.19 -32.21
N ASN D 170 -10.95 -9.30 -31.97
CA ASN D 170 -11.37 -10.29 -30.96
C ASN D 170 -10.54 -10.32 -29.68
N ILE D 171 -9.26 -10.01 -29.80
CA ILE D 171 -8.35 -10.12 -28.67
C ILE D 171 -7.21 -9.13 -28.85
N GLN D 172 -6.67 -8.64 -27.74
CA GLN D 172 -5.56 -7.70 -27.78
C GLN D 172 -4.30 -8.38 -27.29
N ALA D 173 -3.24 -8.36 -28.11
CA ALA D 173 -1.98 -8.94 -27.67
C ALA D 173 -0.84 -7.94 -27.80
N PHE D 174 0.01 -7.94 -26.79
CA PHE D 174 1.02 -6.91 -26.60
C PHE D 174 2.42 -7.37 -26.98
N ARG D 175 3.08 -6.58 -27.82
CA ARG D 175 4.50 -6.78 -28.07
C ARG D 175 5.25 -5.51 -27.67
N PRO D 176 6.09 -5.60 -26.63
CA PRO D 176 6.83 -4.48 -26.05
C PRO D 176 7.64 -3.65 -27.03
N LYS D 177 7.79 -2.36 -26.72
CA LYS D 177 8.59 -1.44 -27.51
C LYS D 177 10.06 -1.58 -27.15
N GLN D 178 10.58 -2.79 -27.31
CA GLN D 178 11.99 -3.09 -27.10
C GLN D 178 12.45 -2.74 -25.69
N GLN E 1 -28.35 -40.50 7.12
CA GLN E 1 -27.34 -41.47 7.52
C GLN E 1 -26.23 -40.80 8.34
N GLY E 2 -25.29 -41.60 8.84
CA GLY E 2 -24.22 -41.10 9.68
C GLY E 2 -23.11 -40.42 8.91
N MET E 3 -22.55 -39.37 9.50
CA MET E 3 -21.41 -38.69 8.91
C MET E 3 -20.14 -39.47 9.19
N GLN E 4 -19.26 -39.55 8.19
CA GLN E 4 -17.94 -40.15 8.38
C GLN E 4 -17.10 -39.34 9.37
N THR E 5 -16.31 -40.04 10.17
CA THR E 5 -15.38 -39.39 11.07
C THR E 5 -14.23 -38.82 10.26
N ILE E 6 -13.91 -37.56 10.48
CA ILE E 6 -12.78 -36.93 9.80
C ILE E 6 -11.57 -36.93 10.74
N HIS E 7 -10.48 -37.53 10.30
CA HIS E 7 -9.26 -37.55 11.08
C HIS E 7 -8.36 -36.41 10.64
N ILE E 8 -7.95 -35.60 11.59
CA ILE E 8 -7.18 -34.39 11.27
C ILE E 8 -5.87 -34.40 12.01
N GLY E 9 -4.77 -34.29 11.27
CA GLY E 9 -3.45 -34.22 11.88
C GLY E 9 -3.09 -32.78 12.16
N VAL E 10 -2.54 -32.53 13.33
CA VAL E 10 -2.11 -31.18 13.70
C VAL E 10 -0.68 -31.26 14.18
N LEU E 11 0.25 -30.77 13.36
CA LEU E 11 1.66 -30.87 13.66
CA LEU E 11 1.66 -30.88 13.65
C LEU E 11 2.24 -29.51 13.97
N SER E 12 2.66 -29.31 15.21
CA SER E 12 3.28 -28.06 15.63
C SER E 12 4.80 -28.20 15.61
N ALA E 13 5.46 -27.47 14.73
CA ALA E 13 6.92 -27.49 14.66
C ALA E 13 7.51 -26.42 15.56
N SER E 14 8.24 -26.84 16.60
CA SER E 14 8.73 -25.93 17.62
C SER E 14 9.93 -26.49 18.38
N ASP E 15 10.86 -25.61 18.73
CA ASP E 15 12.06 -26.02 19.47
C ASP E 15 11.87 -26.03 20.99
N ARG E 16 10.66 -25.70 21.43
CA ARG E 16 10.28 -25.64 22.84
C ARG E 16 11.16 -24.65 23.63
N ALA E 17 11.45 -23.52 23.03
CA ALA E 17 12.34 -22.52 23.62
C ALA E 17 11.80 -21.11 23.41
N GLY E 20 7.11 -20.50 25.76
CA GLY E 20 7.09 -20.36 27.20
C GLY E 20 6.23 -21.40 27.90
N VAL E 21 5.22 -20.93 28.64
CA VAL E 21 4.31 -21.83 29.35
C VAL E 21 2.98 -21.96 28.59
N TYR E 22 2.58 -20.91 27.88
CA TYR E 22 1.45 -20.99 26.95
C TYR E 22 1.93 -21.74 25.71
N GLU E 23 2.25 -23.02 25.86
CA GLU E 23 3.07 -23.74 24.89
C GLU E 23 2.48 -23.88 23.48
N ASP E 24 1.16 -23.95 23.35
CA ASP E 24 0.59 -24.01 22.01
C ASP E 24 -0.84 -23.47 21.90
N LEU E 25 -0.94 -22.16 21.79
CA LEU E 25 -2.18 -21.49 21.41
C LEU E 25 -2.52 -21.82 19.97
N SER E 26 -1.51 -22.09 19.16
CA SER E 26 -1.71 -22.30 17.72
C SER E 26 -2.49 -23.58 17.43
N GLY E 27 -2.11 -24.67 18.10
CA GLY E 27 -2.81 -25.93 17.94
C GLY E 27 -4.26 -25.83 18.36
N LYS E 28 -4.51 -25.09 19.43
CA LYS E 28 -5.86 -24.88 19.93
CA LYS E 28 -5.86 -24.89 19.93
C LYS E 28 -6.70 -24.11 18.91
N ALA E 29 -6.11 -23.09 18.32
CA ALA E 29 -6.79 -22.27 17.32
C ALA E 29 -7.20 -23.11 16.13
N ILE E 30 -6.32 -24.02 15.71
CA ILE E 30 -6.59 -24.87 14.57
C ILE E 30 -7.78 -25.78 14.85
N GLN E 31 -7.79 -26.39 16.04
CA GLN E 31 -8.89 -27.28 16.40
C GLN E 31 -10.21 -26.53 16.58
N GLU E 32 -10.16 -25.33 17.14
CA GLU E 32 -11.36 -24.52 17.31
C GLU E 32 -11.98 -24.17 15.96
N VAL E 33 -11.16 -23.70 15.02
CA VAL E 33 -11.66 -23.30 13.71
C VAL E 33 -12.21 -24.48 12.94
N LEU E 34 -11.48 -25.59 12.90
CA LEU E 34 -11.92 -26.76 12.15
C LEU E 34 -13.19 -27.37 12.74
N SER E 35 -13.36 -27.27 14.06
CA SER E 35 -14.57 -27.77 14.72
C SER E 35 -15.76 -26.89 14.39
N GLU E 36 -15.47 -25.64 14.08
CA GLU E 36 -16.48 -24.66 13.71
C GLU E 36 -16.91 -24.84 12.24
N TYR E 37 -15.98 -25.36 11.42
CA TYR E 37 -16.20 -25.48 9.99
C TYR E 37 -16.84 -26.80 9.54
N LEU E 38 -16.74 -27.82 10.39
CA LEU E 38 -17.17 -29.16 10.02
C LEU E 38 -18.24 -29.67 10.96
N LEU E 39 -19.16 -30.47 10.42
CA LEU E 39 -20.22 -31.07 11.20
C LEU E 39 -19.87 -32.50 11.60
N ASN E 40 -18.90 -33.08 10.90
CA ASN E 40 -18.50 -34.47 11.17
C ASN E 40 -17.99 -34.64 12.58
N PRO E 41 -18.13 -35.86 13.13
CA PRO E 41 -17.27 -36.20 14.26
C PRO E 41 -15.83 -36.08 13.81
N LEU E 42 -15.01 -35.38 14.58
CA LEU E 42 -13.62 -35.20 14.20
C LEU E 42 -12.74 -36.05 15.10
N GLU E 43 -11.57 -36.45 14.63
CA GLU E 43 -10.54 -36.97 15.52
C GLU E 43 -9.24 -36.27 15.17
N PHE E 44 -8.72 -35.51 16.13
CA PHE E 44 -7.50 -34.74 15.95
C PHE E 44 -6.31 -35.55 16.42
N HIS E 45 -5.26 -35.56 15.62
CA HIS E 45 -4.02 -36.21 15.99
C HIS E 45 -2.95 -35.15 16.11
N TYR E 46 -2.70 -34.72 17.34
CA TYR E 46 -1.85 -33.57 17.59
C TYR E 46 -0.47 -34.01 18.04
N GLU E 47 0.55 -33.30 17.57
CA GLU E 47 1.92 -33.69 17.86
C GLU E 47 2.84 -32.48 17.79
N ILE E 48 3.65 -32.30 18.83
CA ILE E 48 4.69 -31.27 18.85
C ILE E 48 6.01 -31.88 18.41
N VAL E 49 6.66 -31.27 17.44
CA VAL E 49 7.90 -31.84 16.89
C VAL E 49 8.98 -30.77 16.70
N ALA E 50 10.19 -31.08 17.13
CA ALA E 50 11.33 -30.17 16.98
C ALA E 50 11.61 -29.85 15.51
N ASP E 51 12.23 -28.69 15.27
CA ASP E 51 12.57 -28.25 13.91
C ASP E 51 13.68 -29.09 13.28
N GLU E 52 13.52 -30.41 13.31
CA GLU E 52 14.45 -31.29 12.61
C GLU E 52 13.72 -31.90 11.43
N ARG E 53 14.30 -31.78 10.25
CA ARG E 53 13.60 -32.14 9.02
C ARG E 53 13.12 -33.59 9.01
N ASP E 54 13.98 -34.52 9.40
CA ASP E 54 13.59 -35.92 9.37
C ASP E 54 12.47 -36.22 10.37
N LEU E 55 12.45 -35.52 11.49
CA LEU E 55 11.40 -35.72 12.48
C LEU E 55 10.06 -35.22 11.94
N ILE E 56 10.07 -34.07 11.28
CA ILE E 56 8.83 -33.56 10.73
C ILE E 56 8.33 -34.47 9.62
N GLU E 57 9.24 -34.95 8.78
CA GLU E 57 8.85 -35.89 7.73
C GLU E 57 8.22 -37.15 8.31
N LYS E 58 8.87 -37.72 9.33
CA LYS E 58 8.35 -38.92 9.97
C LYS E 58 6.95 -38.70 10.57
N SER E 59 6.76 -37.54 11.19
CA SER E 59 5.47 -37.24 11.82
C SER E 59 4.35 -37.05 10.79
N LEU E 60 4.63 -36.33 9.71
CA LEU E 60 3.67 -36.17 8.62
C LEU E 60 3.29 -37.52 8.03
N ILE E 61 4.29 -38.36 7.83
CA ILE E 61 4.06 -39.68 7.25
C ILE E 61 3.19 -40.52 8.17
N LYS E 62 3.45 -40.47 9.47
CA LYS E 62 2.67 -41.25 10.43
C LYS E 62 1.22 -40.77 10.47
N MET E 63 1.02 -39.46 10.40
CA MET E 63 -0.33 -38.92 10.43
C MET E 63 -1.12 -39.33 9.20
N CYS E 64 -0.49 -39.29 8.03
CA CYS E 64 -1.16 -39.70 6.80
C CYS E 64 -1.38 -41.20 6.71
N ASP E 65 -0.29 -41.95 6.93
CA ASP E 65 -0.25 -43.39 6.66
C ASP E 65 -0.87 -44.24 7.78
N GLU E 66 -0.53 -43.93 9.02
CA GLU E 66 -0.97 -44.75 10.15
C GLU E 66 -2.27 -44.24 10.75
N TYR E 67 -2.36 -42.93 10.93
CA TYR E 67 -3.55 -42.31 11.50
C TYR E 67 -4.64 -42.08 10.46
N GLN E 68 -4.27 -42.23 9.20
CA GLN E 68 -5.20 -42.09 8.08
C GLN E 68 -5.92 -40.75 8.10
N CYS E 69 -5.15 -39.68 8.33
CA CYS E 69 -5.72 -38.34 8.33
C CYS E 69 -6.12 -37.90 6.93
N ASP E 70 -7.32 -37.35 6.82
CA ASP E 70 -7.78 -36.78 5.56
C ASP E 70 -7.14 -35.43 5.34
N LEU E 71 -6.92 -34.73 6.45
CA LEU E 71 -6.29 -33.41 6.43
C LEU E 71 -5.22 -33.34 7.48
N VAL E 72 -4.03 -32.88 7.09
CA VAL E 72 -2.96 -32.66 8.05
C VAL E 72 -2.52 -31.21 7.93
N VAL E 73 -2.54 -30.46 9.02
CA VAL E 73 -2.05 -29.09 8.97
C VAL E 73 -0.85 -28.91 9.88
N THR E 74 0.09 -28.07 9.44
CA THR E 74 1.27 -27.79 10.24
C THR E 74 1.21 -26.34 10.71
N THR E 75 1.87 -26.06 11.83
CA THR E 75 2.03 -24.68 12.24
C THR E 75 3.48 -24.46 12.66
N GLY E 76 4.07 -23.38 12.17
CA GLY E 76 5.45 -23.02 12.49
C GLY E 76 6.46 -23.38 11.42
N GLY E 77 7.57 -22.65 11.42
CA GLY E 77 8.76 -23.00 10.65
C GLY E 77 8.64 -22.86 9.15
N THR E 78 8.05 -21.76 8.69
CA THR E 78 7.77 -21.62 7.26
C THR E 78 8.32 -20.32 6.66
N GLY E 79 9.22 -19.65 7.38
CA GLY E 79 9.77 -18.41 6.86
C GLY E 79 11.15 -18.63 6.24
N PRO E 80 11.91 -17.54 6.07
CA PRO E 80 13.22 -17.64 5.43
C PRO E 80 14.35 -18.03 6.35
N ALA E 81 14.09 -18.16 7.65
CA ALA E 81 15.14 -18.43 8.62
C ALA E 81 15.71 -19.84 8.47
N LEU E 82 16.95 -20.02 8.92
CA LEU E 82 17.67 -21.27 8.76
C LEU E 82 16.91 -22.52 9.21
N ARG E 83 16.33 -22.49 10.40
CA ARG E 83 15.65 -23.66 10.93
C ARG E 83 14.18 -23.76 10.54
N ASP E 84 13.73 -22.92 9.61
CA ASP E 84 12.37 -23.06 9.09
C ASP E 84 12.34 -24.11 7.98
N ILE E 85 12.16 -25.38 8.35
CA ILE E 85 12.28 -26.44 7.37
C ILE E 85 10.99 -27.22 7.15
N THR E 86 9.88 -26.68 7.65
CA THR E 86 8.59 -27.33 7.50
C THR E 86 8.18 -27.49 6.02
N PRO E 87 8.33 -26.43 5.20
CA PRO E 87 7.94 -26.64 3.79
C PRO E 87 8.78 -27.68 3.06
N GLU E 88 10.09 -27.74 3.36
CA GLU E 88 10.97 -28.74 2.76
C GLU E 88 10.49 -30.15 3.09
N ALA E 89 10.17 -30.36 4.37
CA ALA E 89 9.69 -31.65 4.83
C ALA E 89 8.37 -32.00 4.18
N THR E 90 7.51 -31.00 4.01
CA THR E 90 6.21 -31.20 3.41
C THR E 90 6.36 -31.66 1.97
N LYS E 91 7.20 -30.96 1.24
CA LYS E 91 7.45 -31.26 -0.13
C LYS E 91 8.04 -32.66 -0.31
N LYS E 92 8.85 -33.07 0.62
CA LYS E 92 9.48 -34.39 0.56
C LYS E 92 8.47 -35.52 0.70
N VAL E 93 7.45 -35.35 1.53
CA VAL E 93 6.53 -36.45 1.80
C VAL E 93 5.33 -36.45 0.85
N CYS E 94 5.12 -35.35 0.14
CA CYS E 94 4.01 -35.24 -0.81
C CYS E 94 4.38 -35.75 -2.19
N GLN E 95 3.40 -36.31 -2.90
CA GLN E 95 3.62 -36.77 -4.27
C GLN E 95 3.30 -35.67 -5.28
N LYS E 96 2.32 -34.83 -4.95
CA LYS E 96 1.92 -33.69 -5.77
C LYS E 96 1.87 -32.44 -4.92
N MET E 97 2.42 -31.33 -5.39
CA MET E 97 2.20 -30.07 -4.68
C MET E 97 1.08 -29.26 -5.34
N LEU E 98 0.40 -28.44 -4.54
CA LEU E 98 -0.71 -27.60 -5.02
C LEU E 98 -0.36 -26.13 -4.86
N PRO E 99 0.25 -25.54 -5.90
CA PRO E 99 0.77 -24.18 -5.75
C PRO E 99 -0.31 -23.13 -5.46
N GLY E 100 -1.55 -23.42 -5.83
CA GLY E 100 -2.64 -22.48 -5.60
C GLY E 100 -2.88 -22.16 -4.13
N PHE E 101 -2.56 -23.11 -3.25
CA PHE E 101 -2.71 -22.88 -1.81
C PHE E 101 -1.69 -21.86 -1.32
N GLY E 102 -0.42 -22.13 -1.62
CA GLY E 102 0.65 -21.20 -1.26
C GLY E 102 0.38 -19.79 -1.78
N GLU E 103 -0.12 -19.71 -3.01
CA GLU E 103 -0.44 -18.43 -3.63
C GLU E 103 -1.51 -17.69 -2.82
N LEU E 104 -2.59 -18.39 -2.52
CA LEU E 104 -3.74 -17.76 -1.88
C LEU E 104 -3.45 -17.40 -0.43
N MET E 105 -2.70 -18.24 0.26
CA MET E 105 -2.34 -17.94 1.65
C MET E 105 -1.45 -16.68 1.73
N ARG E 106 -0.48 -16.56 0.84
CA ARG E 106 0.34 -15.35 0.79
C ARG E 106 -0.52 -14.14 0.41
N MET E 107 -1.38 -14.29 -0.60
CA MET E 107 -2.22 -13.18 -1.04
C MET E 107 -3.14 -12.72 0.08
N THR E 108 -3.61 -13.68 0.86
CA THR E 108 -4.48 -13.38 1.99
C THR E 108 -3.73 -12.53 3.01
N SER E 109 -2.57 -13.01 3.43
CA SER E 109 -1.79 -12.30 4.44
C SER E 109 -1.29 -10.97 3.92
N LEU E 110 -0.98 -10.92 2.63
CA LEU E 110 -0.44 -9.70 2.00
C LEU E 110 -1.43 -8.55 2.06
N LYS E 111 -2.71 -8.85 2.27
CA LYS E 111 -3.71 -7.81 2.46
C LYS E 111 -3.36 -6.96 3.68
N TYR E 112 -2.65 -7.54 4.64
CA TYR E 112 -2.40 -6.87 5.91
C TYR E 112 -0.94 -6.50 6.17
N VAL E 113 -0.01 -7.37 5.80
CA VAL E 113 1.41 -7.10 6.05
C VAL E 113 2.27 -7.42 4.83
N PRO E 114 3.19 -6.51 4.49
CA PRO E 114 4.00 -6.72 3.28
C PRO E 114 4.97 -7.89 3.42
N THR E 115 5.29 -8.26 4.66
CA THR E 115 6.23 -9.37 4.88
C THR E 115 5.57 -10.73 4.64
N ALA E 116 4.32 -10.70 4.19
CA ALA E 116 3.64 -11.93 3.82
C ALA E 116 4.38 -12.66 2.69
N ILE E 117 5.13 -11.91 1.88
CA ILE E 117 5.79 -12.53 0.74
C ILE E 117 7.01 -13.35 1.16
N LEU E 118 7.36 -13.30 2.43
CA LEU E 118 8.48 -14.10 2.95
C LEU E 118 8.08 -15.53 3.23
N SER E 119 6.78 -15.80 3.28
CA SER E 119 6.26 -17.10 3.69
C SER E 119 6.46 -18.18 2.63
N ARG E 120 6.88 -19.36 3.07
CA ARG E 120 7.08 -20.49 2.17
C ARG E 120 6.01 -21.57 2.41
N GLN E 121 4.94 -21.21 3.12
CA GLN E 121 3.84 -22.16 3.38
C GLN E 121 3.36 -22.77 2.07
N SER E 122 3.16 -24.07 2.06
CA SER E 122 2.70 -24.76 0.86
CA SER E 122 2.67 -24.73 0.85
C SER E 122 1.62 -25.77 1.21
N ALA E 123 1.16 -26.50 0.21
CA ALA E 123 0.21 -27.59 0.41
C ALA E 123 0.46 -28.65 -0.65
N GLY E 124 0.15 -29.90 -0.33
CA GLY E 124 0.36 -30.96 -1.29
C GLY E 124 -0.42 -32.20 -0.90
N ILE E 125 -0.35 -33.21 -1.75
CA ILE E 125 -1.06 -34.46 -1.53
C ILE E 125 -0.11 -35.61 -1.22
N ARG E 126 -0.41 -36.35 -0.15
CA ARG E 126 0.20 -37.66 0.04
C ARG E 126 -0.92 -38.68 0.09
N ASN E 127 -1.02 -39.49 -0.97
CA ASN E 127 -2.05 -40.51 -1.08
C ASN E 127 -3.44 -39.92 -0.87
N LYS E 128 -4.12 -40.29 0.21
CA LYS E 128 -5.47 -39.80 0.44
C LYS E 128 -5.51 -38.66 1.47
N SER E 129 -4.38 -37.98 1.61
CA SER E 129 -4.25 -36.91 2.61
C SER E 129 -3.87 -35.58 1.97
N LEU E 130 -4.55 -34.52 2.40
CA LEU E 130 -4.12 -33.17 2.05
C LEU E 130 -3.32 -32.55 3.20
N ILE E 131 -2.10 -32.11 2.90
CA ILE E 131 -1.25 -31.47 3.89
C ILE E 131 -1.14 -29.99 3.56
N ILE E 132 -1.37 -29.14 4.56
CA ILE E 132 -1.26 -27.69 4.35
C ILE E 132 -0.43 -27.06 5.47
N ASN E 133 0.51 -26.19 5.10
CA ASN E 133 1.28 -25.43 6.07
C ASN E 133 0.54 -24.15 6.46
N LEU E 134 0.27 -23.98 7.75
CA LEU E 134 -0.44 -22.82 8.27
C LEU E 134 0.54 -21.86 8.98
N PRO E 135 0.11 -20.62 9.26
CA PRO E 135 0.94 -19.66 10.00
C PRO E 135 1.17 -20.06 11.45
N GLY E 136 1.76 -19.16 12.23
CA GLY E 136 2.05 -19.44 13.63
C GLY E 136 1.05 -18.84 14.61
N LYS E 137 0.54 -17.66 14.29
CA LYS E 137 -0.38 -16.95 15.18
C LYS E 137 -1.83 -17.35 14.95
N PRO E 138 -2.59 -17.50 16.05
CA PRO E 138 -4.01 -17.85 15.99
C PRO E 138 -4.85 -16.94 15.08
N LYS E 139 -4.60 -15.63 15.14
CA LYS E 139 -5.28 -14.68 14.25
C LYS E 139 -4.99 -15.02 12.79
N SER E 140 -3.71 -15.24 12.50
CA SER E 140 -3.25 -15.56 11.16
C SER E 140 -3.75 -16.93 10.70
N ILE E 141 -3.80 -17.86 11.65
CA ILE E 141 -4.31 -19.20 11.38
C ILE E 141 -5.79 -19.17 10.95
N ARG E 142 -6.60 -18.36 11.61
CA ARG E 142 -8.02 -18.29 11.27
C ARG E 142 -8.21 -17.62 9.90
N GLU E 143 -7.47 -16.55 9.66
CA GLU E 143 -7.55 -15.85 8.38
C GLU E 143 -7.12 -16.77 7.24
N CYS E 144 -6.09 -17.56 7.52
CA CYS E 144 -5.59 -18.50 6.54
C CYS E 144 -6.62 -19.59 6.25
N LEU E 145 -7.11 -20.25 7.28
CA LEU E 145 -8.08 -21.31 7.12
C LEU E 145 -9.38 -20.80 6.49
N GLU E 146 -9.77 -19.59 6.85
CA GLU E 146 -10.96 -18.98 6.27
C GLU E 146 -10.80 -18.88 4.75
N ALA E 147 -9.59 -18.55 4.31
CA ALA E 147 -9.31 -18.39 2.89
C ALA E 147 -9.29 -19.72 2.12
N VAL E 148 -8.64 -20.73 2.68
CA VAL E 148 -8.40 -21.95 1.93
C VAL E 148 -9.41 -23.08 2.18
N PHE E 149 -10.11 -23.05 3.32
CA PHE E 149 -11.02 -24.16 3.61
C PHE E 149 -12.15 -24.36 2.59
N PRO E 150 -12.65 -23.29 1.94
CA PRO E 150 -13.74 -23.60 1.00
C PRO E 150 -13.37 -24.58 -0.13
N ALA E 151 -12.08 -24.74 -0.41
CA ALA E 151 -11.62 -25.68 -1.41
C ALA E 151 -11.25 -27.06 -0.84
N ILE E 152 -11.19 -27.19 0.48
CA ILE E 152 -10.66 -28.42 1.09
C ILE E 152 -11.58 -29.65 0.97
N PRO E 153 -12.88 -29.51 1.27
CA PRO E 153 -13.71 -30.72 1.15
C PRO E 153 -13.71 -31.35 -0.24
N TYR E 154 -13.76 -30.52 -1.28
CA TYR E 154 -13.74 -31.06 -2.63
C TYR E 154 -12.39 -31.71 -2.93
N CYS E 155 -11.32 -31.07 -2.49
CA CYS E 155 -9.97 -31.64 -2.65
C CYS E 155 -9.87 -33.01 -1.99
N VAL E 156 -10.37 -33.11 -0.75
CA VAL E 156 -10.33 -34.38 -0.03
C VAL E 156 -11.18 -35.43 -0.75
N ASP E 157 -12.30 -35.03 -1.35
CA ASP E 157 -13.10 -35.93 -2.17
C ASP E 157 -12.27 -36.52 -3.31
N LEU E 158 -11.59 -35.64 -4.03
CA LEU E 158 -10.89 -36.02 -5.25
C LEU E 158 -9.72 -36.96 -4.97
N ILE E 159 -9.09 -36.83 -3.80
CA ILE E 159 -8.00 -37.74 -3.43
C ILE E 159 -8.53 -38.94 -2.65
N LEU E 160 -9.85 -39.09 -2.64
CA LEU E 160 -10.56 -40.24 -2.07
C LEU E 160 -10.43 -40.35 -0.56
N GLY E 161 -10.36 -39.20 0.12
CA GLY E 161 -10.46 -39.16 1.57
C GLY E 161 -11.92 -39.20 2.00
N ASN E 162 -12.17 -39.16 3.30
CA ASN E 162 -13.54 -39.19 3.82
C ASN E 162 -14.33 -37.93 3.47
N TYR E 163 -15.65 -38.02 3.57
CA TYR E 163 -16.53 -36.98 3.07
C TYR E 163 -16.85 -35.93 4.14
N MET E 164 -16.29 -34.75 3.96
CA MET E 164 -16.49 -33.65 4.89
C MET E 164 -17.87 -33.02 4.73
N GLN E 165 -18.55 -32.83 5.86
CA GLN E 165 -19.83 -32.15 5.89
C GLN E 165 -19.66 -30.76 6.50
N VAL E 166 -19.75 -29.74 5.65
CA VAL E 166 -19.44 -28.38 6.06
C VAL E 166 -20.57 -27.76 6.89
N ASN E 167 -20.18 -27.00 7.92
CA ASN E 167 -21.14 -26.18 8.65
C ASN E 167 -21.27 -24.85 7.92
N GLU E 168 -22.27 -24.77 7.03
CA GLU E 168 -22.40 -23.64 6.13
C GLU E 168 -22.77 -22.35 6.86
N LYS E 169 -23.08 -22.46 8.14
CA LYS E 169 -23.33 -21.29 8.95
C LYS E 169 -22.03 -20.50 9.15
N ASN E 170 -20.90 -21.20 9.12
CA ASN E 170 -19.62 -20.57 9.46
C ASN E 170 -18.65 -20.43 8.29
N ILE E 171 -18.89 -21.18 7.22
CA ILE E 171 -17.99 -21.21 6.09
C ILE E 171 -18.74 -21.80 4.90
N GLN E 172 -18.37 -21.42 3.70
CA GLN E 172 -19.02 -22.00 2.52
C GLN E 172 -18.02 -22.75 1.67
N ALA E 173 -18.15 -24.08 1.62
CA ALA E 173 -17.31 -24.85 0.72
C ALA E 173 -18.08 -25.27 -0.53
N PHE E 174 -17.44 -25.05 -1.67
CA PHE E 174 -18.02 -25.35 -2.96
C PHE E 174 -17.73 -26.80 -3.32
N ARG E 175 -18.70 -27.46 -3.95
CA ARG E 175 -18.47 -28.75 -4.58
C ARG E 175 -19.14 -28.70 -5.95
N PRO E 176 -18.36 -28.76 -7.03
CA PRO E 176 -18.99 -28.70 -8.35
C PRO E 176 -19.75 -29.98 -8.67
N LYS E 177 -20.91 -29.83 -9.29
CA LYS E 177 -21.82 -30.94 -9.54
C LYS E 177 -21.28 -31.88 -10.61
N GLN E 178 -21.36 -33.17 -10.32
CA GLN E 178 -20.86 -34.20 -11.23
C GLN E 178 -22.01 -34.95 -11.88
N GLN F 1 23.43 5.78 18.58
CA GLN F 1 24.31 4.71 18.08
C GLN F 1 24.47 4.82 16.56
N GLY F 2 25.51 4.17 16.03
CA GLY F 2 25.79 4.22 14.61
C GLY F 2 25.21 3.02 13.89
N MET F 3 25.33 3.01 12.56
CA MET F 3 24.72 1.97 11.76
C MET F 3 25.74 0.96 11.22
N GLN F 4 25.28 -0.26 11.00
CA GLN F 4 26.08 -1.26 10.33
C GLN F 4 26.13 -0.95 8.85
N THR F 5 27.26 -1.21 8.21
CA THR F 5 27.35 -1.03 6.77
C THR F 5 26.63 -2.18 6.10
N ILE F 6 25.87 -1.87 5.06
CA ILE F 6 25.15 -2.90 4.32
C ILE F 6 25.90 -3.19 3.02
N HIS F 7 26.23 -4.45 2.80
CA HIS F 7 26.93 -4.84 1.59
C HIS F 7 25.93 -5.34 0.57
N ILE F 8 25.96 -4.73 -0.61
CA ILE F 8 24.96 -4.99 -1.63
C ILE F 8 25.63 -5.48 -2.91
N GLY F 9 25.20 -6.64 -3.40
CA GLY F 9 25.75 -7.18 -4.62
C GLY F 9 24.89 -6.79 -5.80
N VAL F 10 25.53 -6.36 -6.88
CA VAL F 10 24.83 -6.08 -8.13
C VAL F 10 25.48 -6.87 -9.27
N LEU F 11 24.73 -7.82 -9.81
CA LEU F 11 25.22 -8.68 -10.87
CA LEU F 11 25.23 -8.68 -10.87
C LEU F 11 24.47 -8.41 -12.18
N SER F 12 25.21 -8.06 -13.22
CA SER F 12 24.61 -7.82 -14.52
C SER F 12 24.96 -8.93 -15.52
N ALA F 13 23.93 -9.66 -15.95
CA ALA F 13 24.11 -10.71 -16.93
C ALA F 13 23.88 -10.14 -18.34
N SER F 14 24.98 -9.99 -19.09
CA SER F 14 24.90 -9.36 -20.40
C SER F 14 25.89 -9.97 -21.38
N ASP F 15 25.56 -9.86 -22.66
CA ASP F 15 26.43 -10.37 -23.72
C ASP F 15 27.29 -9.25 -24.29
N ARG F 16 26.85 -8.01 -24.06
CA ARG F 16 27.51 -6.82 -24.59
C ARG F 16 27.67 -6.89 -26.09
N ALA F 17 26.60 -7.31 -26.75
CA ALA F 17 26.53 -7.34 -28.20
C ALA F 17 25.17 -6.80 -28.61
N SER F 18 24.60 -5.98 -27.73
CA SER F 18 23.30 -5.36 -27.99
C SER F 18 23.34 -3.86 -27.66
N ASP F 24 24.62 0.95 -18.99
CA ASP F 24 25.11 1.24 -17.65
C ASP F 24 23.94 1.42 -16.69
N LEU F 25 22.82 1.86 -17.24
CA LEU F 25 21.72 2.47 -16.50
C LEU F 25 21.07 1.58 -15.45
N SER F 26 21.04 0.28 -15.70
CA SER F 26 20.42 -0.66 -14.77
C SER F 26 21.13 -0.65 -13.42
N GLY F 27 22.41 -0.98 -13.43
CA GLY F 27 23.22 -1.01 -12.22
C GLY F 27 23.23 0.34 -11.51
N LYS F 28 23.19 1.42 -12.29
CA LYS F 28 23.20 2.77 -11.72
C LYS F 28 21.87 3.13 -11.08
N ALA F 29 20.77 2.68 -11.68
CA ALA F 29 19.44 2.90 -11.12
C ALA F 29 19.28 2.12 -9.82
N ILE F 30 19.79 0.90 -9.81
CA ILE F 30 19.78 0.06 -8.63
C ILE F 30 20.52 0.77 -7.49
N GLN F 31 21.69 1.31 -7.81
CA GLN F 31 22.51 1.98 -6.81
C GLN F 31 21.80 3.21 -6.24
N GLU F 32 21.18 4.02 -7.09
CA GLU F 32 20.60 5.27 -6.61
C GLU F 32 19.30 5.05 -5.83
N VAL F 33 18.52 4.03 -6.21
CA VAL F 33 17.30 3.71 -5.47
C VAL F 33 17.60 3.17 -4.07
N LEU F 34 18.57 2.27 -3.96
CA LEU F 34 18.92 1.69 -2.67
C LEU F 34 19.59 2.70 -1.75
N SER F 35 20.38 3.60 -2.32
CA SER F 35 21.02 4.65 -1.52
C SER F 35 19.98 5.62 -0.99
N GLU F 36 18.83 5.65 -1.65
CA GLU F 36 17.70 6.48 -1.24
C GLU F 36 16.86 5.80 -0.17
N TYR F 37 16.81 4.47 -0.21
CA TYR F 37 15.98 3.70 0.71
C TYR F 37 16.64 3.46 2.07
N LEU F 38 17.98 3.43 2.09
CA LEU F 38 18.70 3.05 3.30
C LEU F 38 19.49 4.21 3.90
N LEU F 39 19.53 4.28 5.22
CA LEU F 39 20.29 5.29 5.93
C LEU F 39 21.71 4.79 6.21
N ASN F 40 21.88 3.48 6.15
CA ASN F 40 23.16 2.85 6.44
C ASN F 40 24.25 3.31 5.48
N PRO F 41 25.51 3.27 5.94
CA PRO F 41 26.57 3.38 4.93
C PRO F 41 26.54 2.12 4.06
N LEU F 42 26.65 2.29 2.75
CA LEU F 42 26.51 1.16 1.84
C LEU F 42 27.81 0.85 1.13
N GLU F 43 28.03 -0.43 0.85
CA GLU F 43 29.14 -0.85 0.01
C GLU F 43 28.64 -1.76 -1.11
N PHE F 44 28.68 -1.26 -2.33
CA PHE F 44 28.22 -2.02 -3.48
C PHE F 44 29.35 -2.86 -4.08
N HIS F 45 29.05 -4.11 -4.41
CA HIS F 45 29.99 -4.97 -5.09
C HIS F 45 29.43 -5.31 -6.46
N TYR F 46 29.87 -4.58 -7.48
CA TYR F 46 29.31 -4.74 -8.81
C TYR F 46 30.18 -5.60 -9.69
N GLU F 47 29.55 -6.51 -10.41
CA GLU F 47 30.25 -7.37 -11.34
C GLU F 47 29.38 -7.64 -12.55
N ILE F 48 29.95 -7.53 -13.73
CA ILE F 48 29.24 -7.83 -14.96
C ILE F 48 29.83 -9.11 -15.52
N VAL F 49 28.96 -10.04 -15.90
CA VAL F 49 29.41 -11.38 -16.28
C VAL F 49 28.68 -11.87 -17.53
N ALA F 50 29.38 -12.64 -18.36
CA ALA F 50 28.79 -13.22 -19.56
C ALA F 50 27.63 -14.15 -19.22
N ASP F 51 26.71 -14.33 -20.17
CA ASP F 51 25.50 -15.11 -19.97
C ASP F 51 25.74 -16.62 -19.89
N GLU F 52 26.63 -17.05 -19.01
CA GLU F 52 26.88 -18.47 -18.81
CA GLU F 52 26.90 -18.47 -18.80
C GLU F 52 26.49 -18.87 -17.39
N ARG F 53 25.64 -19.89 -17.29
CA ARG F 53 25.07 -20.29 -16.00
C ARG F 53 26.10 -20.48 -14.89
N ASP F 54 27.13 -21.27 -15.17
CA ASP F 54 28.15 -21.56 -14.17
C ASP F 54 28.87 -20.29 -13.71
N LEU F 55 29.12 -19.35 -14.63
CA LEU F 55 29.78 -18.10 -14.26
C LEU F 55 28.90 -17.25 -13.35
N ILE F 56 27.62 -17.16 -13.68
CA ILE F 56 26.67 -16.41 -12.88
C ILE F 56 26.52 -17.03 -11.50
N GLU F 57 26.48 -18.36 -11.44
CA GLU F 57 26.50 -19.07 -10.17
C GLU F 57 27.71 -18.69 -9.33
N LYS F 58 28.91 -18.78 -9.91
CA LYS F 58 30.14 -18.49 -9.18
C LYS F 58 30.16 -17.04 -8.68
N SER F 59 29.59 -16.14 -9.47
CA SER F 59 29.60 -14.73 -9.12
C SER F 59 28.63 -14.44 -7.96
N LEU F 60 27.44 -15.04 -8.02
CA LEU F 60 26.49 -14.94 -6.93
C LEU F 60 27.09 -15.51 -5.64
N ILE F 61 27.71 -16.68 -5.76
CA ILE F 61 28.35 -17.34 -4.62
C ILE F 61 29.44 -16.46 -4.03
N LYS F 62 30.26 -15.86 -4.88
CA LYS F 62 31.32 -14.99 -4.40
C LYS F 62 30.76 -13.77 -3.66
N MET F 63 29.68 -13.19 -4.19
CA MET F 63 29.09 -12.00 -3.56
C MET F 63 28.50 -12.32 -2.19
N CYS F 64 27.86 -13.48 -2.07
CA CYS F 64 27.33 -13.91 -0.79
C CYS F 64 28.43 -14.36 0.17
N ASP F 65 29.30 -15.24 -0.30
CA ASP F 65 30.25 -15.93 0.58
C ASP F 65 31.51 -15.12 0.90
N GLU F 66 32.04 -14.43 -0.10
CA GLU F 66 33.28 -13.69 0.09
C GLU F 66 33.04 -12.22 0.45
N TYR F 67 32.12 -11.58 -0.25
CA TYR F 67 31.84 -10.17 -0.04
C TYR F 67 30.84 -9.95 1.10
N GLN F 68 30.23 -11.05 1.55
CA GLN F 68 29.26 -11.02 2.65
C GLN F 68 28.13 -10.04 2.40
N CYS F 69 27.56 -10.08 1.20
CA CYS F 69 26.47 -9.18 0.86
C CYS F 69 25.18 -9.58 1.56
N ASP F 70 24.51 -8.61 2.19
CA ASP F 70 23.21 -8.87 2.81
C ASP F 70 22.14 -9.02 1.73
N LEU F 71 22.29 -8.21 0.68
CA LEU F 71 21.38 -8.24 -0.45
C LEU F 71 22.17 -8.34 -1.75
N VAL F 72 21.71 -9.21 -2.65
CA VAL F 72 22.33 -9.36 -3.95
C VAL F 72 21.22 -9.29 -4.99
N VAL F 73 21.36 -8.37 -5.94
CA VAL F 73 20.36 -8.27 -7.00
C VAL F 73 20.98 -8.54 -8.36
N THR F 74 20.19 -9.16 -9.23
CA THR F 74 20.59 -9.35 -10.60
C THR F 74 19.72 -8.48 -11.51
N THR F 75 20.20 -8.22 -12.71
CA THR F 75 19.41 -7.52 -13.70
C THR F 75 19.49 -8.25 -15.03
N GLY F 76 18.37 -8.36 -15.72
CA GLY F 76 18.33 -8.97 -17.04
C GLY F 76 18.25 -10.49 -17.05
N GLY F 77 17.96 -11.04 -18.22
CA GLY F 77 18.04 -12.47 -18.47
C GLY F 77 17.07 -13.35 -17.71
N THR F 78 15.81 -12.94 -17.60
CA THR F 78 14.84 -13.67 -16.80
C THR F 78 13.54 -13.97 -17.54
N GLY F 79 13.58 -13.88 -18.87
CA GLY F 79 12.43 -14.16 -19.69
C GLY F 79 12.43 -15.58 -20.23
N PRO F 80 11.57 -15.84 -21.23
CA PRO F 80 11.46 -17.19 -21.79
C PRO F 80 12.55 -17.53 -22.81
N ALA F 81 13.31 -16.52 -23.24
CA ALA F 81 14.32 -16.73 -24.28
C ALA F 81 15.39 -17.71 -23.83
N LEU F 82 16.00 -18.37 -24.81
CA LEU F 82 16.96 -19.45 -24.56
C LEU F 82 18.08 -19.06 -23.60
N ARG F 83 18.72 -17.92 -23.85
CA ARG F 83 19.89 -17.50 -23.08
C ARG F 83 19.55 -16.82 -21.75
N ASP F 84 18.27 -16.78 -21.38
CA ASP F 84 17.88 -16.18 -20.11
C ASP F 84 17.99 -17.21 -19.00
N ILE F 85 19.20 -17.38 -18.47
CA ILE F 85 19.43 -18.45 -17.49
C ILE F 85 19.69 -17.94 -16.07
N THR F 86 19.39 -16.67 -15.84
CA THR F 86 19.65 -16.09 -14.52
C THR F 86 18.80 -16.72 -13.39
N PRO F 87 17.49 -16.99 -13.63
CA PRO F 87 16.77 -17.65 -12.55
C PRO F 87 17.27 -19.07 -12.26
N GLU F 88 17.71 -19.81 -13.27
CA GLU F 88 18.30 -21.12 -13.05
C GLU F 88 19.52 -21.04 -12.15
N ALA F 89 20.42 -20.10 -12.46
CA ALA F 89 21.62 -19.91 -11.66
C ALA F 89 21.26 -19.52 -10.24
N THR F 90 20.27 -18.64 -10.13
CA THR F 90 19.80 -18.16 -8.83
C THR F 90 19.31 -19.33 -7.97
N LYS F 91 18.44 -20.15 -8.55
CA LYS F 91 17.88 -21.29 -7.85
C LYS F 91 18.96 -22.26 -7.38
N LYS F 92 20.04 -22.38 -8.15
CA LYS F 92 21.06 -23.36 -7.82
C LYS F 92 21.92 -22.94 -6.62
N VAL F 93 22.10 -21.65 -6.40
CA VAL F 93 22.98 -21.20 -5.33
C VAL F 93 22.21 -20.88 -4.04
N CYS F 94 20.88 -20.83 -4.14
CA CYS F 94 20.05 -20.61 -2.96
C CYS F 94 19.70 -21.93 -2.28
N GLN F 95 19.52 -21.87 -0.96
CA GLN F 95 19.07 -23.02 -0.19
C GLN F 95 17.54 -23.02 -0.07
N LYS F 96 16.96 -21.84 0.01
CA LYS F 96 15.50 -21.70 0.09
C LYS F 96 15.04 -20.67 -0.91
N MET F 97 14.04 -20.99 -1.73
CA MET F 97 13.45 -19.98 -2.60
C MET F 97 12.26 -19.33 -1.91
N LEU F 98 11.96 -18.09 -2.30
CA LEU F 98 10.86 -17.34 -1.71
C LEU F 98 9.88 -16.98 -2.82
N PRO F 99 8.94 -17.89 -3.12
CA PRO F 99 8.06 -17.69 -4.28
C PRO F 99 7.23 -16.43 -4.18
N GLY F 100 7.01 -15.94 -2.97
CA GLY F 100 6.23 -14.72 -2.78
C GLY F 100 6.81 -13.50 -3.48
N PHE F 101 8.13 -13.43 -3.55
CA PHE F 101 8.78 -12.33 -4.28
C PHE F 101 8.44 -12.39 -5.77
N GLY F 102 8.60 -13.56 -6.36
CA GLY F 102 8.27 -13.75 -7.76
C GLY F 102 6.82 -13.40 -8.07
N GLU F 103 5.93 -13.82 -7.18
CA GLU F 103 4.50 -13.52 -7.33
C GLU F 103 4.25 -12.03 -7.34
N LEU F 104 4.81 -11.33 -6.36
CA LEU F 104 4.59 -9.90 -6.22
C LEU F 104 5.24 -9.11 -7.35
N MET F 105 6.43 -9.53 -7.79
CA MET F 105 7.10 -8.80 -8.86
C MET F 105 6.31 -8.90 -10.16
N ARG F 106 5.73 -10.06 -10.43
CA ARG F 106 4.88 -10.21 -11.61
C ARG F 106 3.57 -9.42 -11.46
N MET F 107 2.96 -9.47 -10.28
CA MET F 107 1.70 -8.76 -10.06
C MET F 107 1.88 -7.26 -10.23
N THR F 108 3.05 -6.77 -9.85
CA THR F 108 3.35 -5.35 -9.93
C THR F 108 3.49 -4.93 -11.38
N SER F 109 4.27 -5.70 -12.13
CA SER F 109 4.51 -5.41 -13.54
C SER F 109 3.25 -5.61 -14.38
N LEU F 110 2.39 -6.54 -13.94
CA LEU F 110 1.16 -6.86 -14.66
C LEU F 110 0.17 -5.70 -14.64
N LYS F 111 0.38 -4.76 -13.72
CA LYS F 111 -0.42 -3.54 -13.70
C LYS F 111 -0.26 -2.77 -15.01
N TYR F 112 0.96 -2.80 -15.55
CA TYR F 112 1.30 -2.05 -16.75
C TYR F 112 1.20 -2.88 -18.01
N VAL F 113 1.82 -4.06 -17.99
CA VAL F 113 2.04 -4.83 -19.20
C VAL F 113 1.61 -6.29 -19.08
N PRO F 114 0.77 -6.76 -20.02
CA PRO F 114 0.25 -8.14 -20.04
C PRO F 114 1.34 -9.21 -20.05
N THR F 115 2.45 -8.91 -20.71
CA THR F 115 3.51 -9.89 -20.87
C THR F 115 4.36 -10.03 -19.60
N ALA F 116 3.92 -9.39 -18.52
CA ALA F 116 4.58 -9.57 -17.22
C ALA F 116 4.56 -11.03 -16.78
N ILE F 117 3.60 -11.82 -17.26
CA ILE F 117 3.51 -13.21 -16.80
C ILE F 117 4.59 -14.10 -17.42
N LEU F 118 5.38 -13.55 -18.32
CA LEU F 118 6.46 -14.28 -18.96
C LEU F 118 7.73 -14.28 -18.12
N SER F 119 7.77 -13.43 -17.11
CA SER F 119 8.95 -13.26 -16.27
C SER F 119 9.17 -14.40 -15.29
N ARG F 120 10.42 -14.85 -15.19
CA ARG F 120 10.81 -15.88 -14.23
C ARG F 120 11.66 -15.32 -13.10
N GLN F 121 11.59 -14.00 -12.91
CA GLN F 121 12.29 -13.37 -11.80
C GLN F 121 11.89 -14.03 -10.49
N SER F 122 12.87 -14.31 -9.65
CA SER F 122 12.63 -15.00 -8.40
C SER F 122 13.50 -14.42 -7.28
N ALA F 123 13.34 -14.96 -6.09
CA ALA F 123 14.22 -14.61 -4.98
C ALA F 123 14.45 -15.82 -4.10
N GLY F 124 15.57 -15.84 -3.41
CA GLY F 124 15.87 -16.93 -2.50
C GLY F 124 16.92 -16.54 -1.48
N ILE F 125 17.18 -17.47 -0.56
CA ILE F 125 18.16 -17.26 0.50
C ILE F 125 19.37 -18.16 0.30
N ARG F 126 20.56 -17.57 0.41
CA ARG F 126 21.79 -18.32 0.55
C ARG F 126 22.49 -17.87 1.81
N ASN F 127 22.44 -18.71 2.85
CA ASN F 127 23.00 -18.38 4.16
C ASN F 127 22.46 -17.04 4.67
N LYS F 128 23.31 -16.02 4.78
CA LYS F 128 22.88 -14.74 5.33
C LYS F 128 22.60 -13.71 4.23
N SER F 129 22.35 -14.19 3.02
CA SER F 129 22.12 -13.32 1.88
C SER F 129 20.76 -13.52 1.23
N LEU F 130 20.09 -12.42 0.92
CA LEU F 130 18.88 -12.45 0.11
C LEU F 130 19.26 -12.12 -1.32
N ILE F 131 18.89 -12.99 -2.25
CA ILE F 131 19.14 -12.75 -3.66
C ILE F 131 17.80 -12.53 -4.36
N ILE F 132 17.72 -11.46 -5.14
CA ILE F 132 16.50 -11.14 -5.86
C ILE F 132 16.80 -10.82 -7.31
N ASN F 133 16.04 -11.40 -8.24
CA ASN F 133 16.17 -11.05 -9.65
C ASN F 133 15.33 -9.81 -9.97
N LEU F 134 15.97 -8.76 -10.49
CA LEU F 134 15.29 -7.52 -10.83
C LEU F 134 15.13 -7.42 -12.36
N PRO F 135 14.27 -6.51 -12.86
CA PRO F 135 14.13 -6.37 -14.31
CA PRO F 135 14.11 -6.34 -14.30
C PRO F 135 15.34 -5.73 -14.96
N GLY F 136 15.31 -5.58 -16.28
CA GLY F 136 16.44 -5.03 -17.02
C GLY F 136 16.52 -3.53 -17.16
N LYS F 137 15.37 -2.87 -17.28
CA LYS F 137 15.33 -1.44 -17.56
C LYS F 137 15.14 -0.60 -16.30
N PRO F 138 15.77 0.59 -16.25
CA PRO F 138 15.72 1.51 -15.10
C PRO F 138 14.33 1.78 -14.53
N LYS F 139 13.34 2.08 -15.38
CA LYS F 139 12.01 2.41 -14.87
C LYS F 139 11.40 1.21 -14.16
N SER F 140 11.51 0.05 -14.79
CA SER F 140 10.97 -1.19 -14.23
C SER F 140 11.68 -1.56 -12.93
N ILE F 141 12.98 -1.26 -12.86
CA ILE F 141 13.77 -1.55 -11.68
C ILE F 141 13.28 -0.74 -10.48
N ARG F 142 13.03 0.55 -10.68
CA ARG F 142 12.52 1.39 -9.61
C ARG F 142 11.16 0.89 -9.14
N GLU F 143 10.28 0.57 -10.08
CA GLU F 143 8.95 0.07 -9.77
C GLU F 143 9.02 -1.25 -9.02
N CYS F 144 9.95 -2.10 -9.43
CA CYS F 144 10.13 -3.40 -8.79
C CYS F 144 10.63 -3.24 -7.35
N LEU F 145 11.70 -2.46 -7.17
CA LEU F 145 12.26 -2.27 -5.85
C LEU F 145 11.26 -1.59 -4.92
N GLU F 146 10.43 -0.70 -5.46
CA GLU F 146 9.41 -0.03 -4.68
C GLU F 146 8.43 -1.04 -4.10
N ALA F 147 8.08 -2.04 -4.90
CA ALA F 147 7.11 -3.05 -4.49
C ALA F 147 7.67 -4.02 -3.46
N VAL F 148 8.90 -4.48 -3.66
CA VAL F 148 9.42 -5.55 -2.83
C VAL F 148 10.25 -5.09 -1.63
N PHE F 149 10.75 -3.85 -1.67
CA PHE F 149 11.64 -3.45 -0.59
C PHE F 149 11.03 -3.42 0.82
N PRO F 150 9.72 -3.12 0.97
CA PRO F 150 9.22 -3.09 2.35
C PRO F 150 9.39 -4.40 3.13
N ALA F 151 9.60 -5.51 2.42
CA ALA F 151 9.75 -6.81 3.09
C ALA F 151 11.20 -7.21 3.28
N ILE F 152 12.12 -6.42 2.72
CA ILE F 152 13.52 -6.84 2.68
C ILE F 152 14.28 -6.68 4.01
N PRO F 153 14.17 -5.51 4.69
CA PRO F 153 14.90 -5.42 5.97
C PRO F 153 14.54 -6.54 6.96
N TYR F 154 13.27 -6.89 7.05
CA TYR F 154 12.88 -7.94 8.00
C TYR F 154 13.41 -9.29 7.54
N CYS F 155 13.36 -9.54 6.23
CA CYS F 155 13.91 -10.77 5.68
C CYS F 155 15.39 -10.88 6.00
N VAL F 156 16.12 -9.79 5.82
CA VAL F 156 17.55 -9.78 6.12
C VAL F 156 17.79 -10.01 7.61
N ASP F 157 16.96 -9.42 8.46
CA ASP F 157 17.02 -9.72 9.90
C ASP F 157 16.92 -11.21 10.19
N LEU F 158 15.95 -11.86 9.55
CA LEU F 158 15.64 -13.26 9.86
C LEU F 158 16.72 -14.22 9.41
N ILE F 159 17.45 -13.85 8.35
CA ILE F 159 18.54 -14.70 7.89
C ILE F 159 19.87 -14.31 8.53
N LEU F 160 19.78 -13.37 9.48
CA LEU F 160 20.89 -12.91 10.32
C LEU F 160 21.89 -12.04 9.56
N GLY F 161 21.39 -11.29 8.58
CA GLY F 161 22.20 -10.31 7.88
C GLY F 161 22.30 -9.05 8.72
N ASN F 162 23.01 -8.05 8.22
CA ASN F 162 23.13 -6.77 8.94
C ASN F 162 21.82 -6.01 8.98
N TYR F 163 21.72 -5.09 9.94
CA TYR F 163 20.46 -4.43 10.26
C TYR F 163 20.22 -3.18 9.43
N MET F 164 19.39 -3.31 8.41
CA MET F 164 19.00 -2.18 7.58
C MET F 164 18.17 -1.18 8.37
N GLN F 165 18.52 0.09 8.25
CA GLN F 165 17.71 1.15 8.82
C GLN F 165 17.22 2.02 7.67
N VAL F 166 15.92 1.98 7.42
CA VAL F 166 15.39 2.59 6.22
C VAL F 166 15.19 4.09 6.37
N ASN F 167 15.18 4.77 5.23
CA ASN F 167 14.85 6.18 5.13
C ASN F 167 13.35 6.31 4.91
N GLU F 168 12.62 6.57 5.99
CA GLU F 168 11.16 6.43 5.97
C GLU F 168 10.42 7.58 5.28
N LYS F 169 11.18 8.48 4.65
CA LYS F 169 10.58 9.51 3.82
C LYS F 169 10.55 9.04 2.37
N ASN F 170 11.31 7.99 2.10
CA ASN F 170 11.44 7.48 0.74
C ASN F 170 10.82 6.11 0.54
N ILE F 171 10.77 5.32 1.61
CA ILE F 171 10.19 3.99 1.57
C ILE F 171 9.77 3.60 2.99
N GLN F 172 8.80 2.72 3.10
CA GLN F 172 8.37 2.24 4.41
C GLN F 172 8.60 0.74 4.54
N ALA F 173 9.43 0.34 5.50
CA ALA F 173 9.72 -1.06 5.73
C ALA F 173 9.02 -1.56 6.99
N PHE F 174 8.50 -2.78 6.91
CA PHE F 174 7.70 -3.33 7.99
C PHE F 174 8.45 -4.43 8.73
N ARG F 175 8.52 -4.31 10.06
CA ARG F 175 9.12 -5.32 10.90
C ARG F 175 8.13 -5.76 11.97
N PRO F 176 7.56 -6.94 11.82
CA PRO F 176 6.58 -7.46 12.75
C PRO F 176 7.08 -7.51 14.15
N LYS F 177 6.19 -7.14 15.04
CA LYS F 177 6.44 -7.11 16.45
C LYS F 177 6.84 -8.45 16.88
N GLN F 178 8.10 -8.57 17.28
CA GLN F 178 8.62 -9.83 17.78
C GLN F 178 8.50 -9.80 19.28
#